data_8YT0
#
_entry.id   8YT0
#
_cell.length_a   48.829
_cell.length_b   113.257
_cell.length_c   134.255
_cell.angle_alpha   90.000
_cell.angle_beta   90.000
_cell.angle_gamma   90.000
#
_symmetry.space_group_name_H-M   'P 21 21 21'
#
loop_
_entity.id
_entity.type
_entity.pdbx_description
1 polymer CylI
2 non-polymer '~{S}-(2-acetamidoethyl) (6~{S})-6-chloranyldecanethioate'
3 water water
#
_entity_poly.entity_id   1
_entity_poly.type   'polypeptide(L)'
_entity_poly.pdbx_seq_one_letter_code
;MGSSHHHHHHSSGENLYFQGHMTYIVSTSTAFPENYYPQTVLAAALRRFFTVMELDFDLEQIDRFFTNVKIDGRYFALPL
DSLLDPPTWGVSISRGLENSLNLAETAITKLLEKTNVQPQDISLLASVSMTPAIPSLDGRLMNRIPFSSTLKRLPMNGVG
CMGGAFGISRVADYLKAHPKEAAILFAVEISSALWQGSLQANLTSLIRRLPENPSLYSEIIMDIITAALFADGCGAVLMV
GKEHPLAKSGLPQVIDNRSFLVPNTVELMGLDVVDNGFRNILRPEVSDALKQGLRPLINGLLADNNIESENLYRWIVHPG
GPKVIDTVEAEFGLDSQTLQLSRDTLAEVGNISSATVLYMLDKVLSEEQSPPDSYGLIVAMGPGLAQEAILLKW
;
_entity_poly.pdbx_strand_id   A,B
#
loop_
_chem_comp.id
_chem_comp.type
_chem_comp.name
_chem_comp.formula
A1D7B non-polymer '~{S}-(2-acetamidoethyl) (6~{S})-6-chloranyldecanethioate' 'C14 H26 Cl N O2 S'
#
# COMPACT_ATOMS: atom_id res chain seq x y z
N THR A 23 -23.49 -0.11 9.00
CA THR A 23 -22.93 -0.08 7.65
C THR A 23 -23.45 -1.20 6.75
N TYR A 24 -23.85 -0.87 5.51
CA TYR A 24 -24.52 -1.81 4.63
C TYR A 24 -23.67 -2.12 3.40
N ILE A 25 -23.67 -3.38 2.99
CA ILE A 25 -23.12 -3.78 1.70
C ILE A 25 -24.27 -3.68 0.70
N VAL A 26 -24.16 -2.77 -0.26
CA VAL A 26 -25.29 -2.51 -1.17
C VAL A 26 -25.22 -3.40 -2.40
N SER A 27 -24.04 -3.59 -2.98
CA SER A 27 -23.91 -4.30 -4.25
C SER A 27 -22.45 -4.68 -4.46
N THR A 28 -22.24 -5.57 -5.43
CA THR A 28 -20.91 -6.07 -5.76
C THR A 28 -20.81 -6.19 -7.28
N SER A 29 -19.58 -6.33 -7.78
CA SER A 29 -19.35 -6.64 -9.18
C SER A 29 -18.00 -7.32 -9.31
N THR A 30 -17.74 -7.89 -10.47
CA THR A 30 -16.45 -8.48 -10.78
C THR A 30 -16.00 -8.07 -12.17
N ALA A 31 -14.72 -8.32 -12.46
CA ALA A 31 -14.19 -8.12 -13.80
C ALA A 31 -13.01 -9.06 -14.02
N PHE A 32 -13.00 -9.70 -15.18
CA PHE A 32 -11.97 -10.66 -15.54
C PHE A 32 -11.39 -10.30 -16.90
N PRO A 33 -10.15 -10.69 -17.17
CA PRO A 33 -9.58 -10.46 -18.51
C PRO A 33 -10.22 -11.35 -19.57
N GLU A 34 -9.76 -11.24 -20.82
CA GLU A 34 -10.43 -11.92 -21.92
C GLU A 34 -10.11 -13.41 -21.98
N ASN A 35 -8.91 -13.82 -21.57
CA ASN A 35 -8.42 -15.18 -21.79
C ASN A 35 -8.64 -16.06 -20.56
N TYR A 36 -9.53 -17.05 -20.68
CA TYR A 36 -9.72 -18.10 -19.70
C TYR A 36 -9.01 -19.35 -20.20
N TYR A 37 -8.09 -19.90 -19.39
CA TYR A 37 -7.32 -21.08 -19.77
C TYR A 37 -7.72 -22.27 -18.94
N PRO A 38 -8.06 -23.41 -19.57
CA PRO A 38 -8.25 -24.64 -18.80
C PRO A 38 -6.98 -24.98 -18.04
N GLN A 39 -7.16 -25.54 -16.84
CA GLN A 39 -6.01 -25.91 -16.02
C GLN A 39 -5.09 -26.87 -16.76
N THR A 40 -5.66 -27.77 -17.57
CA THR A 40 -4.83 -28.71 -18.32
C THR A 40 -3.95 -27.97 -19.33
N VAL A 41 -4.47 -26.89 -19.92
CA VAL A 41 -3.68 -26.10 -20.86
C VAL A 41 -2.51 -25.43 -20.15
N LEU A 42 -2.77 -24.88 -18.96
CA LEU A 42 -1.72 -24.26 -18.17
C LEU A 42 -0.68 -25.29 -17.73
N ALA A 43 -1.13 -26.44 -17.25
CA ALA A 43 -0.22 -27.54 -16.93
C ALA A 43 0.65 -27.90 -18.13
N ALA A 44 0.02 -28.00 -19.31
CA ALA A 44 0.75 -28.35 -20.54
C ALA A 44 1.80 -27.30 -20.87
N ALA A 45 1.46 -26.02 -20.70
CA ALA A 45 2.42 -24.96 -20.98
C ALA A 45 3.64 -25.05 -20.07
N LEU A 46 3.42 -25.29 -18.78
CA LEU A 46 4.54 -25.44 -17.85
C LEU A 46 5.39 -26.67 -18.20
N ARG A 47 4.74 -27.81 -18.47
CA ARG A 47 5.49 -29.00 -18.88
C ARG A 47 6.34 -28.71 -20.11
N ARG A 48 5.77 -28.00 -21.08
CA ARG A 48 6.52 -27.64 -22.28
C ARG A 48 7.76 -26.84 -21.92
N PHE A 49 7.62 -25.90 -20.97
CA PHE A 49 8.78 -25.16 -20.50
C PHE A 49 9.85 -26.07 -19.92
N PHE A 50 9.47 -26.99 -19.03
CA PHE A 50 10.44 -27.92 -18.47
C PHE A 50 11.12 -28.73 -19.57
N THR A 51 10.36 -29.07 -20.62
CA THR A 51 10.87 -29.94 -21.67
C THR A 51 11.81 -29.18 -22.61
N VAL A 52 11.40 -27.99 -23.08
CA VAL A 52 12.29 -27.17 -23.90
C VAL A 52 13.59 -26.87 -23.16
N MET A 53 13.52 -26.62 -21.87
CA MET A 53 14.70 -26.30 -21.07
C MET A 53 15.45 -27.52 -20.56
N GLU A 54 14.98 -28.73 -20.87
CA GLU A 54 15.65 -29.97 -20.48
C GLU A 54 15.84 -30.05 -18.97
N LEU A 55 14.83 -29.65 -18.21
CA LEU A 55 14.91 -29.65 -16.76
C LEU A 55 14.69 -31.04 -16.21
N ASP A 56 15.61 -31.50 -15.37
CA ASP A 56 15.53 -32.85 -14.80
C ASP A 56 14.61 -32.82 -13.60
N PHE A 57 13.32 -33.05 -13.84
CA PHE A 57 12.34 -33.10 -12.78
C PHE A 57 11.15 -33.92 -13.27
N ASP A 58 10.59 -34.73 -12.37
CA ASP A 58 9.40 -35.52 -12.67
C ASP A 58 8.28 -34.63 -13.18
N LEU A 59 7.91 -34.80 -14.46
CA LEU A 59 6.85 -33.98 -15.03
C LEU A 59 5.49 -34.28 -14.42
N GLU A 60 5.32 -35.47 -13.85
CA GLU A 60 4.04 -35.82 -13.23
C GLU A 60 3.80 -35.05 -11.94
N GLN A 61 4.83 -34.43 -11.36
CA GLN A 61 4.58 -33.54 -10.22
C GLN A 61 3.81 -32.29 -10.66
N ILE A 62 4.13 -31.76 -11.85
CA ILE A 62 3.36 -30.63 -12.39
C ILE A 62 1.90 -30.99 -12.52
N ASP A 63 1.60 -32.09 -13.22
CA ASP A 63 0.22 -32.49 -13.43
C ASP A 63 -0.46 -32.81 -12.11
N ARG A 64 0.25 -33.47 -11.20
CA ARG A 64 -0.37 -33.85 -9.93
C ARG A 64 -0.79 -32.62 -9.13
N PHE A 65 0.07 -31.61 -9.06
CA PHE A 65 -0.27 -30.40 -8.29
C PHE A 65 -1.32 -29.55 -9.02
N PHE A 66 -1.21 -29.41 -10.35
CA PHE A 66 -2.22 -28.67 -11.10
C PHE A 66 -3.59 -29.34 -11.00
N THR A 67 -3.62 -30.67 -10.91
CA THR A 67 -4.89 -31.36 -10.70
C THR A 67 -5.36 -31.26 -9.26
N ASN A 68 -4.46 -31.41 -8.30
CA ASN A 68 -4.87 -31.56 -6.91
C ASN A 68 -5.38 -30.26 -6.29
N VAL A 69 -5.04 -29.09 -6.86
CA VAL A 69 -5.62 -27.85 -6.36
C VAL A 69 -7.09 -27.72 -6.71
N LYS A 70 -7.60 -28.61 -7.56
CA LYS A 70 -9.02 -28.65 -7.94
C LYS A 70 -9.49 -27.31 -8.51
N ILE A 71 -8.74 -26.84 -9.51
CA ILE A 71 -9.07 -25.67 -10.29
C ILE A 71 -9.37 -26.15 -11.71
N ASP A 72 -10.54 -25.79 -12.24
CA ASP A 72 -10.83 -26.18 -13.63
C ASP A 72 -10.20 -25.24 -14.65
N GLY A 73 -10.02 -23.97 -14.32
CA GLY A 73 -9.43 -23.03 -15.27
C GLY A 73 -9.13 -21.72 -14.56
N ARG A 74 -8.35 -20.87 -15.23
CA ARG A 74 -7.95 -19.60 -14.65
C ARG A 74 -7.90 -18.52 -15.72
N TYR A 75 -8.24 -17.29 -15.33
CA TYR A 75 -8.03 -16.14 -16.21
C TYR A 75 -6.61 -15.61 -16.03
N PHE A 76 -5.92 -15.40 -17.15
CA PHE A 76 -4.61 -14.73 -17.17
C PHE A 76 -4.74 -13.46 -18.01
N ALA A 77 -4.52 -12.30 -17.39
CA ALA A 77 -4.50 -11.06 -18.15
C ALA A 77 -3.23 -10.91 -18.99
N LEU A 78 -2.10 -11.44 -18.50
CA LEU A 78 -0.83 -11.36 -19.20
C LEU A 78 -0.61 -12.61 -20.04
N PRO A 79 0.24 -12.53 -21.07
CA PRO A 79 0.25 -13.59 -22.09
C PRO A 79 0.89 -14.89 -21.61
N LEU A 80 0.46 -15.97 -22.23
CA LEU A 80 1.04 -17.29 -22.03
C LEU A 80 1.93 -17.74 -23.19
N ASP A 81 1.73 -17.18 -24.38
CA ASP A 81 2.46 -17.60 -25.58
C ASP A 81 3.93 -17.21 -25.54
N SER A 82 4.30 -16.23 -24.72
CA SER A 82 5.68 -15.80 -24.57
C SER A 82 6.41 -16.57 -23.48
N LEU A 83 5.86 -17.70 -23.04
CA LEU A 83 6.39 -18.38 -21.85
C LEU A 83 7.87 -18.73 -21.99
N LEU A 84 8.32 -19.03 -23.20
CA LEU A 84 9.72 -19.40 -23.41
C LEU A 84 10.61 -18.20 -23.71
N ASP A 85 10.03 -17.07 -24.12
CA ASP A 85 10.77 -15.83 -24.38
C ASP A 85 10.01 -14.68 -23.74
N PRO A 86 10.12 -14.52 -22.42
CA PRO A 86 9.31 -13.52 -21.73
C PRO A 86 9.82 -12.12 -22.00
N PRO A 87 8.94 -11.10 -21.99
CA PRO A 87 9.39 -9.72 -22.12
C PRO A 87 10.19 -9.26 -20.92
N THR A 88 10.69 -8.03 -20.93
CA THR A 88 11.39 -7.54 -19.75
C THR A 88 10.42 -7.33 -18.59
N TRP A 89 10.97 -7.38 -17.37
CA TRP A 89 10.17 -7.17 -16.17
C TRP A 89 9.54 -5.78 -16.18
N GLY A 90 10.24 -4.79 -16.72
CA GLY A 90 9.65 -3.47 -16.85
C GLY A 90 8.41 -3.46 -17.72
N VAL A 91 8.44 -4.19 -18.84
CA VAL A 91 7.27 -4.22 -19.71
C VAL A 91 6.14 -5.03 -19.09
N SER A 92 6.47 -6.08 -18.33
CA SER A 92 5.43 -6.84 -17.63
C SER A 92 4.73 -5.98 -16.58
N ILE A 93 5.49 -5.21 -15.82
CA ILE A 93 4.89 -4.33 -14.81
C ILE A 93 3.98 -3.31 -15.49
N SER A 94 4.41 -2.73 -16.61
CA SER A 94 3.58 -1.75 -17.29
C SER A 94 2.28 -2.39 -17.79
N ARG A 95 2.38 -3.58 -18.38
CA ARG A 95 1.17 -4.29 -18.79
C ARG A 95 0.32 -4.68 -17.59
N GLY A 96 0.96 -5.09 -16.49
CA GLY A 96 0.20 -5.43 -15.30
C GLY A 96 -0.57 -4.25 -14.74
N LEU A 97 0.06 -3.07 -14.73
CA LEU A 97 -0.61 -1.83 -14.33
C LEU A 97 -1.80 -1.53 -15.23
N GLU A 98 -1.60 -1.61 -16.54
CA GLU A 98 -2.70 -1.30 -17.46
C GLU A 98 -3.84 -2.30 -17.28
N ASN A 99 -3.53 -3.59 -17.17
CA ASN A 99 -4.60 -4.57 -16.97
C ASN A 99 -5.30 -4.37 -15.63
N SER A 100 -4.54 -4.02 -14.59
CA SER A 100 -5.15 -3.76 -13.28
C SER A 100 -6.14 -2.60 -13.39
N LEU A 101 -5.71 -1.49 -13.99
CA LEU A 101 -6.59 -0.35 -14.21
C LEU A 101 -7.82 -0.72 -15.03
N ASN A 102 -7.63 -1.49 -16.10
CA ASN A 102 -8.76 -1.84 -16.96
C ASN A 102 -9.78 -2.67 -16.18
N LEU A 103 -9.32 -3.67 -15.43
CA LEU A 103 -10.23 -4.52 -14.70
C LEU A 103 -10.97 -3.73 -13.64
N ALA A 104 -10.27 -2.86 -12.92
CA ALA A 104 -10.90 -2.08 -11.85
C ALA A 104 -11.90 -1.09 -12.43
N GLU A 105 -11.54 -0.43 -13.53
CA GLU A 105 -12.50 0.46 -14.19
C GLU A 105 -13.76 -0.28 -14.59
N THR A 106 -13.61 -1.49 -15.15
CA THR A 106 -14.78 -2.24 -15.59
C THR A 106 -15.67 -2.60 -14.42
N ALA A 107 -15.07 -3.15 -13.36
CA ALA A 107 -15.84 -3.53 -12.18
C ALA A 107 -16.51 -2.31 -11.55
N ILE A 108 -15.78 -1.21 -11.40
CA ILE A 108 -16.38 -0.03 -10.79
C ILE A 108 -17.53 0.50 -11.64
N THR A 109 -17.34 0.56 -12.96
CA THR A 109 -18.42 1.05 -13.82
C THR A 109 -19.65 0.17 -13.73
N LYS A 110 -19.48 -1.15 -13.73
CA LYS A 110 -20.64 -2.04 -13.60
C LYS A 110 -21.35 -1.81 -12.27
N LEU A 111 -20.57 -1.59 -11.21
CA LEU A 111 -21.12 -1.33 -9.88
C LEU A 111 -21.96 -0.06 -9.86
N LEU A 112 -21.41 1.03 -10.39
CA LEU A 112 -22.12 2.28 -10.39
C LEU A 112 -23.38 2.18 -11.25
N GLU A 113 -23.29 1.51 -12.39
CA GLU A 113 -24.45 1.41 -13.28
C GLU A 113 -25.57 0.58 -12.66
N LYS A 114 -25.22 -0.55 -12.04
CA LYS A 114 -26.26 -1.39 -11.47
C LYS A 114 -26.93 -0.77 -10.26
N THR A 115 -26.27 0.18 -9.58
CA THR A 115 -26.87 0.85 -8.43
C THR A 115 -27.39 2.24 -8.75
N ASN A 116 -27.19 2.73 -9.99
CA ASN A 116 -27.62 4.06 -10.38
C ASN A 116 -26.98 5.13 -9.51
N VAL A 117 -25.69 4.96 -9.21
CA VAL A 117 -24.94 5.89 -8.39
C VAL A 117 -23.97 6.64 -9.29
N GLN A 118 -23.93 7.97 -9.17
CA GLN A 118 -22.98 8.79 -9.92
C GLN A 118 -21.62 8.80 -9.23
N PRO A 119 -20.52 8.80 -10.00
CA PRO A 119 -19.18 8.85 -9.39
C PRO A 119 -19.01 10.00 -8.41
N GLN A 120 -19.51 11.18 -8.78
CA GLN A 120 -19.38 12.37 -7.93
C GLN A 120 -20.00 12.16 -6.57
N ASP A 121 -20.86 11.15 -6.42
CA ASP A 121 -21.54 10.90 -5.16
C ASP A 121 -20.86 9.83 -4.32
N ILE A 122 -19.69 9.36 -4.73
CA ILE A 122 -18.86 8.46 -3.93
C ILE A 122 -17.88 9.29 -3.11
N SER A 123 -17.80 9.04 -1.80
CA SER A 123 -16.93 9.86 -0.94
C SER A 123 -15.55 9.24 -0.74
N LEU A 124 -15.45 7.91 -0.82
CA LEU A 124 -14.24 7.16 -0.52
C LEU A 124 -14.04 6.04 -1.54
N LEU A 125 -12.82 5.93 -2.06
CA LEU A 125 -12.43 4.87 -2.99
C LEU A 125 -11.26 4.12 -2.37
N ALA A 126 -11.53 2.90 -1.95
CA ALA A 126 -10.54 2.04 -1.30
C ALA A 126 -10.06 0.99 -2.29
N SER A 127 -8.75 0.70 -2.27
CA SER A 127 -8.15 -0.25 -3.19
C SER A 127 -7.22 -1.20 -2.46
N VAL A 128 -7.12 -2.44 -2.96
CA VAL A 128 -6.08 -3.38 -2.55
C VAL A 128 -5.53 -4.10 -3.78
N SER A 129 -4.21 -4.11 -3.90
CA SER A 129 -3.54 -4.74 -5.03
C SER A 129 -2.05 -4.78 -4.73
N MET A 130 -1.44 -5.91 -5.07
CA MET A 130 0.01 -6.05 -5.07
C MET A 130 0.66 -5.50 -6.33
N THR A 131 -0.12 -5.07 -7.32
CA THR A 131 0.45 -4.50 -8.53
C THR A 131 1.21 -3.22 -8.15
N PRO A 132 2.51 -3.13 -8.40
CA PRO A 132 3.25 -1.93 -8.03
C PRO A 132 2.66 -0.72 -8.73
N ALA A 133 2.34 0.32 -7.94
CA ALA A 133 1.61 1.48 -8.46
C ALA A 133 1.88 2.68 -7.54
N ILE A 134 2.75 3.56 -7.99
CA ILE A 134 3.00 4.83 -7.30
C ILE A 134 2.92 5.93 -8.35
N PRO A 135 1.80 6.66 -8.48
CA PRO A 135 0.62 6.68 -7.60
C PRO A 135 -0.25 5.41 -7.67
N SER A 136 -1.07 5.21 -6.65
CA SER A 136 -1.86 4.00 -6.50
C SER A 136 -2.91 3.89 -7.61
N LEU A 137 -3.48 2.69 -7.74
CA LEU A 137 -4.47 2.42 -8.77
C LEU A 137 -5.68 3.34 -8.64
N ASP A 138 -6.12 3.59 -7.40
CA ASP A 138 -7.29 4.43 -7.18
C ASP A 138 -7.05 5.86 -7.60
N GLY A 139 -5.83 6.37 -7.41
CA GLY A 139 -5.52 7.71 -7.94
C GLY A 139 -5.59 7.74 -9.45
N ARG A 140 -4.99 6.76 -10.12
CA ARG A 140 -5.01 6.72 -11.58
C ARG A 140 -6.42 6.59 -12.11
N LEU A 141 -7.29 5.84 -11.42
CA LEU A 141 -8.67 5.66 -11.87
C LEU A 141 -9.46 6.97 -11.91
N MET A 142 -9.06 7.98 -11.15
CA MET A 142 -9.73 9.28 -11.21
C MET A 142 -9.62 9.96 -12.57
N ASN A 143 -8.71 9.54 -13.42
CA ASN A 143 -8.65 10.07 -14.77
C ASN A 143 -9.50 9.28 -15.76
N ARG A 144 -10.07 8.15 -15.34
CA ARG A 144 -10.93 7.35 -16.19
C ARG A 144 -12.40 7.42 -15.79
N ILE A 145 -12.70 7.79 -14.55
CA ILE A 145 -14.05 7.83 -14.01
C ILE A 145 -14.21 9.18 -13.35
N PRO A 146 -15.27 9.94 -13.65
CA PRO A 146 -15.36 11.35 -13.18
C PRO A 146 -15.73 11.45 -11.71
N PHE A 147 -14.89 10.88 -10.86
CA PHE A 147 -14.97 11.15 -9.42
C PHE A 147 -14.63 12.61 -9.16
N SER A 148 -15.15 13.11 -8.04
CA SER A 148 -14.78 14.44 -7.58
C SER A 148 -13.28 14.51 -7.32
N SER A 149 -12.68 15.66 -7.61
CA SER A 149 -11.24 15.80 -7.40
C SER A 149 -10.86 15.69 -5.93
N THR A 150 -11.80 15.92 -5.01
CA THR A 150 -11.57 15.80 -3.57
C THR A 150 -11.98 14.42 -3.04
N LEU A 151 -12.12 13.43 -3.93
CA LEU A 151 -12.38 12.05 -3.50
C LEU A 151 -11.36 11.63 -2.45
N LYS A 152 -11.85 11.02 -1.37
CA LYS A 152 -10.97 10.38 -0.40
C LYS A 152 -10.56 9.00 -0.91
N ARG A 153 -9.29 8.65 -0.69
CA ARG A 153 -8.72 7.39 -1.16
C ARG A 153 -8.14 6.62 0.00
N LEU A 154 -8.20 5.29 -0.12
CA LEU A 154 -7.63 4.38 0.89
C LEU A 154 -6.87 3.31 0.13
N PRO A 155 -5.64 3.62 -0.29
CA PRO A 155 -4.86 2.64 -1.04
C PRO A 155 -4.10 1.70 -0.11
N MET A 156 -4.49 0.43 -0.06
CA MET A 156 -3.82 -0.47 0.87
C MET A 156 -2.92 -1.45 0.12
N ASN A 157 -1.94 -2.00 0.84
CA ASN A 157 -1.09 -3.04 0.25
C ASN A 157 -0.45 -3.79 1.40
N GLY A 158 0.43 -4.73 1.07
CA GLY A 158 1.08 -5.51 2.10
C GLY A 158 0.19 -6.51 2.80
N VAL A 159 -0.97 -6.85 2.21
CA VAL A 159 -1.92 -7.77 2.82
C VAL A 159 -2.19 -8.99 1.96
N GLY A 160 -1.74 -9.02 0.71
CA GLY A 160 -1.86 -10.21 -0.12
C GLY A 160 -3.28 -10.72 -0.20
N CYS A 161 -3.42 -12.05 -0.08
CA CYS A 161 -4.70 -12.75 -0.20
C CYS A 161 -5.75 -12.30 0.79
N MET A 162 -5.37 -11.66 1.89
CA MET A 162 -6.39 -11.24 2.84
C MET A 162 -7.03 -9.91 2.45
N GLY A 163 -6.61 -9.33 1.32
CA GLY A 163 -6.89 -7.92 1.06
C GLY A 163 -8.36 -7.61 0.88
N GLY A 164 -9.12 -8.50 0.25
CA GLY A 164 -10.53 -8.22 0.03
C GLY A 164 -11.30 -8.13 1.34
N ALA A 165 -11.12 -9.11 2.22
CA ALA A 165 -11.75 -9.04 3.53
C ALA A 165 -11.22 -7.87 4.36
N PHE A 166 -9.91 -7.65 4.30
CA PHE A 166 -9.30 -6.54 5.01
C PHE A 166 -9.92 -5.21 4.60
N GLY A 167 -10.12 -5.01 3.30
CA GLY A 167 -10.64 -3.74 2.81
C GLY A 167 -12.07 -3.50 3.24
N ILE A 168 -12.88 -4.57 3.27
CA ILE A 168 -14.24 -4.45 3.78
C ILE A 168 -14.24 -3.93 5.22
N SER A 169 -13.36 -4.49 6.08
CA SER A 169 -13.29 -4.04 7.46
C SER A 169 -12.90 -2.57 7.55
N ARG A 170 -11.91 -2.16 6.77
CA ARG A 170 -11.45 -0.78 6.85
C ARG A 170 -12.51 0.19 6.32
N VAL A 171 -13.20 -0.16 5.23
CA VAL A 171 -14.27 0.71 4.76
C VAL A 171 -15.39 0.77 5.80
N ALA A 172 -15.71 -0.38 6.42
CA ALA A 172 -16.74 -0.38 7.46
C ALA A 172 -16.38 0.58 8.58
N ASP A 173 -15.15 0.49 9.10
CA ASP A 173 -14.71 1.40 10.15
C ASP A 173 -14.83 2.86 9.72
N TYR A 174 -14.49 3.16 8.47
CA TYR A 174 -14.64 4.53 7.96
C TYR A 174 -16.09 4.97 7.99
N LEU A 175 -16.98 4.11 7.47
CA LEU A 175 -18.38 4.48 7.37
C LEU A 175 -19.06 4.60 8.73
N LYS A 176 -18.48 4.00 9.77
CA LYS A 176 -18.98 4.26 11.13
C LYS A 176 -18.97 5.75 11.45
N ALA A 177 -17.93 6.45 11.01
CA ALA A 177 -17.78 7.88 11.24
C ALA A 177 -18.48 8.73 10.17
N HIS A 178 -19.00 8.13 9.11
CA HIS A 178 -19.54 8.89 7.98
C HIS A 178 -20.84 8.25 7.53
N PRO A 179 -21.87 8.29 8.38
CA PRO A 179 -23.11 7.57 8.10
C PRO A 179 -23.84 8.01 6.85
N LYS A 180 -23.59 9.23 6.35
CA LYS A 180 -24.27 9.68 5.15
C LYS A 180 -23.58 9.25 3.86
N GLU A 181 -22.40 8.63 3.94
CA GLU A 181 -21.54 8.54 2.77
C GLU A 181 -21.59 7.16 2.10
N ALA A 182 -21.11 7.13 0.85
CA ALA A 182 -20.96 5.91 0.09
C ALA A 182 -19.50 5.71 -0.27
N ALA A 183 -19.04 4.47 -0.21
CA ALA A 183 -17.66 4.12 -0.49
C ALA A 183 -17.62 2.91 -1.42
N ILE A 184 -16.59 2.87 -2.25
CA ILE A 184 -16.33 1.74 -3.12
C ILE A 184 -14.99 1.13 -2.72
N LEU A 185 -14.98 -0.20 -2.60
CA LEU A 185 -13.75 -0.97 -2.43
C LEU A 185 -13.54 -1.78 -3.69
N PHE A 186 -12.31 -1.84 -4.19
CA PHE A 186 -11.99 -2.82 -5.21
C PHE A 186 -10.68 -3.50 -4.86
N ALA A 187 -10.56 -4.75 -5.32
CA ALA A 187 -9.39 -5.57 -5.20
C ALA A 187 -9.10 -6.15 -6.58
N VAL A 188 -7.83 -6.11 -6.98
CA VAL A 188 -7.48 -6.64 -8.30
C VAL A 188 -6.07 -7.22 -8.19
N GLU A 189 -5.85 -8.43 -8.73
CA GLU A 189 -4.51 -8.98 -8.73
C GLU A 189 -4.21 -9.60 -10.09
N ILE A 190 -2.96 -9.46 -10.52
CA ILE A 190 -2.48 -10.03 -11.78
C ILE A 190 -1.46 -11.11 -11.48
N SER A 191 -1.94 -12.28 -11.04
CA SER A 191 -1.03 -13.39 -10.76
C SER A 191 -0.22 -13.80 -11.98
N SER A 192 -0.78 -13.65 -13.18
CA SER A 192 -0.07 -14.06 -14.38
C SER A 192 1.25 -13.32 -14.54
N ALA A 193 1.47 -12.24 -13.77
CA ALA A 193 2.80 -11.59 -13.76
C ALA A 193 3.91 -12.59 -13.45
N LEU A 194 3.64 -13.57 -12.58
CA LEU A 194 4.69 -14.52 -12.21
C LEU A 194 5.07 -15.44 -13.35
N TRP A 195 4.24 -15.53 -14.39
CA TRP A 195 4.50 -16.35 -15.57
C TRP A 195 5.30 -15.60 -16.63
N GLN A 196 5.70 -14.37 -16.36
CA GLN A 196 6.43 -13.54 -17.31
C GLN A 196 7.94 -13.56 -17.06
N GLY A 197 8.46 -14.59 -16.40
CA GLY A 197 9.88 -14.70 -16.16
C GLY A 197 10.24 -15.24 -14.80
N SER A 198 9.49 -14.84 -13.77
CA SER A 198 9.86 -15.17 -12.39
C SER A 198 9.86 -16.67 -12.16
N LEU A 199 8.76 -17.34 -12.48
CA LEU A 199 8.68 -18.78 -12.27
C LEU A 199 9.69 -19.51 -13.15
N GLN A 200 9.84 -19.05 -14.40
CA GLN A 200 10.80 -19.65 -15.33
C GLN A 200 12.20 -19.64 -14.75
N ALA A 201 12.69 -18.45 -14.41
CA ALA A 201 14.03 -18.32 -13.83
C ALA A 201 14.21 -19.19 -12.59
N ASN A 202 13.26 -19.09 -11.64
CA ASN A 202 13.49 -19.75 -10.35
C ASN A 202 13.41 -21.25 -10.46
N LEU A 203 12.48 -21.78 -11.26
CA LEU A 203 12.38 -23.24 -11.40
C LEU A 203 13.61 -23.80 -12.09
N THR A 204 14.14 -23.07 -13.08
CA THR A 204 15.33 -23.51 -13.77
C THR A 204 16.50 -23.65 -12.80
N SER A 205 16.87 -22.55 -12.13
CA SER A 205 17.98 -22.58 -11.19
C SER A 205 17.78 -23.65 -10.12
N LEU A 206 16.58 -23.69 -9.53
CA LEU A 206 16.34 -24.63 -8.45
C LEU A 206 16.49 -26.07 -8.91
N ILE A 207 15.94 -26.41 -10.07
CA ILE A 207 16.06 -27.79 -10.56
C ILE A 207 17.52 -28.11 -10.89
N ARG A 208 18.28 -27.13 -11.35
CA ARG A 208 19.69 -27.38 -11.66
C ARG A 208 20.48 -27.72 -10.40
N ARG A 209 20.31 -26.94 -9.35
CA ARG A 209 21.00 -27.18 -8.08
C ARG A 209 20.31 -28.28 -7.27
N ASN A 213 22.09 -30.42 -3.86
CA ASN A 213 21.22 -29.84 -2.85
C ASN A 213 19.84 -30.47 -2.85
N PRO A 214 19.70 -31.61 -2.16
CA PRO A 214 18.36 -32.23 -2.05
C PRO A 214 17.36 -31.37 -1.30
N SER A 215 17.81 -30.47 -0.43
CA SER A 215 16.92 -29.58 0.31
C SER A 215 16.15 -28.63 -0.59
N LEU A 216 16.50 -28.54 -1.87
CA LEU A 216 15.82 -27.64 -2.81
C LEU A 216 14.54 -28.22 -3.38
N TYR A 217 14.28 -29.52 -3.17
CA TYR A 217 13.05 -30.12 -3.69
C TYR A 217 11.82 -29.38 -3.16
N SER A 218 11.85 -28.99 -1.88
CA SER A 218 10.73 -28.26 -1.30
C SER A 218 10.52 -26.91 -1.97
N GLU A 219 11.60 -26.26 -2.41
CA GLU A 219 11.45 -24.96 -3.06
C GLU A 219 10.81 -25.09 -4.43
N ILE A 220 11.20 -26.10 -5.20
CA ILE A 220 10.59 -26.32 -6.51
C ILE A 220 9.12 -26.63 -6.38
N ILE A 221 8.76 -27.47 -5.40
CA ILE A 221 7.36 -27.79 -5.19
C ILE A 221 6.58 -26.53 -4.90
N MET A 222 7.17 -25.60 -4.15
CA MET A 222 6.40 -24.42 -3.78
C MET A 222 6.17 -23.52 -4.99
N ASP A 223 7.16 -23.41 -5.89
CA ASP A 223 6.94 -22.65 -7.12
C ASP A 223 5.91 -23.34 -8.04
N ILE A 224 5.95 -24.68 -8.11
CA ILE A 224 4.96 -25.39 -8.92
C ILE A 224 3.55 -25.15 -8.38
N ILE A 225 3.40 -25.18 -7.05
CA ILE A 225 2.09 -24.93 -6.44
C ILE A 225 1.63 -23.50 -6.71
N THR A 226 2.55 -22.54 -6.63
CA THR A 226 2.23 -21.16 -7.04
C THR A 226 1.73 -21.12 -8.47
N ALA A 227 2.42 -21.83 -9.37
CA ALA A 227 2.01 -21.88 -10.77
C ALA A 227 0.67 -22.56 -10.94
N ALA A 228 0.32 -23.50 -10.05
CA ALA A 228 -0.95 -24.23 -10.15
C ALA A 228 -2.13 -23.44 -9.62
N LEU A 229 -1.90 -22.50 -8.71
CA LEU A 229 -2.95 -21.96 -7.85
C LEU A 229 -3.45 -20.59 -8.26
N PHE A 230 -2.55 -19.66 -8.56
CA PHE A 230 -2.93 -18.25 -8.55
C PHE A 230 -3.37 -17.75 -9.92
N ALA A 231 -4.35 -16.87 -9.90
CA ALA A 231 -5.02 -16.43 -11.11
C ALA A 231 -5.29 -14.93 -10.99
N ASP A 232 -5.93 -14.38 -12.02
CA ASP A 232 -6.17 -12.95 -12.13
C ASP A 232 -7.65 -12.63 -12.00
N GLY A 233 -7.95 -11.47 -11.44
CA GLY A 233 -9.33 -11.03 -11.42
C GLY A 233 -9.49 -9.80 -10.55
N CYS A 234 -10.70 -9.24 -10.60
CA CYS A 234 -11.05 -8.06 -9.83
C CYS A 234 -12.45 -8.19 -9.26
N GLY A 235 -12.62 -7.73 -8.02
CA GLY A 235 -13.93 -7.59 -7.43
C GLY A 235 -14.12 -6.18 -6.87
N ALA A 236 -15.38 -5.78 -6.75
CA ALA A 236 -15.69 -4.46 -6.20
C ALA A 236 -16.96 -4.53 -5.36
N VAL A 237 -17.04 -3.66 -4.35
CA VAL A 237 -18.18 -3.64 -3.44
C VAL A 237 -18.57 -2.19 -3.20
N LEU A 238 -19.88 -1.92 -3.19
CA LEU A 238 -20.40 -0.63 -2.78
C LEU A 238 -20.93 -0.74 -1.35
N MET A 239 -20.42 0.10 -0.45
CA MET A 239 -20.92 0.14 0.93
C MET A 239 -21.35 1.55 1.30
N VAL A 240 -22.36 1.66 2.16
CA VAL A 240 -22.88 2.95 2.58
C VAL A 240 -23.13 2.93 4.08
N GLY A 241 -23.06 4.12 4.69
CA GLY A 241 -23.41 4.27 6.08
C GLY A 241 -24.92 4.25 6.28
N LYS A 242 -25.32 4.24 7.55
CA LYS A 242 -26.72 3.97 7.89
C LYS A 242 -27.67 5.07 7.40
N GLU A 243 -27.20 6.31 7.26
CA GLU A 243 -28.08 7.39 6.84
C GLU A 243 -28.13 7.61 5.33
N HIS A 244 -27.39 6.82 4.55
CA HIS A 244 -27.44 6.92 3.10
C HIS A 244 -28.79 6.41 2.58
N PRO A 245 -29.31 7.02 1.50
CA PRO A 245 -30.58 6.54 0.94
C PRO A 245 -30.58 5.08 0.55
N LEU A 246 -29.43 4.52 0.14
CA LEU A 246 -29.39 3.14 -0.29
C LEU A 246 -29.37 2.16 0.87
N ALA A 247 -29.25 2.63 2.11
CA ALA A 247 -29.19 1.74 3.27
C ALA A 247 -30.58 1.19 3.54
N LYS A 248 -30.85 -0.03 3.09
CA LYS A 248 -32.20 -0.59 3.15
C LYS A 248 -32.18 -1.92 3.88
N SER A 249 -33.27 -2.20 4.60
CA SER A 249 -33.44 -3.50 5.24
C SER A 249 -33.40 -4.60 4.19
N GLY A 250 -32.84 -5.75 4.58
CA GLY A 250 -32.61 -6.82 3.65
C GLY A 250 -31.25 -6.78 2.99
N LEU A 251 -30.53 -5.68 3.12
CA LEU A 251 -29.15 -5.67 2.68
C LEU A 251 -28.28 -6.23 3.81
N PRO A 252 -27.18 -6.90 3.50
CA PRO A 252 -26.28 -7.35 4.55
C PRO A 252 -25.65 -6.16 5.25
N GLN A 253 -25.67 -6.18 6.58
CA GLN A 253 -25.00 -5.19 7.39
C GLN A 253 -23.67 -5.76 7.89
N VAL A 254 -22.63 -4.94 7.88
CA VAL A 254 -21.41 -5.30 8.57
C VAL A 254 -21.62 -4.95 10.04
N ILE A 255 -21.79 -5.96 10.90
CA ILE A 255 -22.02 -5.59 12.29
C ILE A 255 -20.74 -5.50 13.12
N ASP A 256 -19.65 -6.18 12.74
CA ASP A 256 -18.38 -6.10 13.46
C ASP A 256 -17.30 -6.76 12.61
N ASN A 257 -16.05 -6.54 13.00
CA ASN A 257 -14.93 -7.14 12.28
C ASN A 257 -13.73 -7.20 13.20
N ARG A 258 -12.77 -8.07 12.87
CA ARG A 258 -11.60 -8.22 13.72
C ARG A 258 -10.42 -8.75 12.91
N SER A 259 -9.23 -8.34 13.33
CA SER A 259 -7.96 -8.78 12.75
C SER A 259 -7.19 -9.65 13.74
N PHE A 260 -6.33 -10.50 13.20
CA PHE A 260 -5.45 -11.31 14.02
C PHE A 260 -4.16 -11.53 13.26
N LEU A 261 -3.03 -11.46 13.94
CA LEU A 261 -1.73 -11.74 13.33
C LEU A 261 -1.01 -12.79 14.15
N VAL A 262 -0.67 -13.92 13.54
CA VAL A 262 -0.06 -15.02 14.31
C VAL A 262 1.40 -14.69 14.57
N PRO A 263 1.86 -14.63 15.82
CA PRO A 263 3.27 -14.28 16.09
C PRO A 263 4.26 -15.17 15.36
N ASN A 264 5.31 -14.55 14.82
CA ASN A 264 6.51 -15.23 14.32
C ASN A 264 6.21 -16.19 13.16
N THR A 265 5.43 -15.70 12.20
CA THR A 265 5.15 -16.49 11.01
C THR A 265 5.31 -15.66 9.74
N VAL A 266 6.10 -14.58 9.79
CA VAL A 266 6.33 -13.76 8.61
C VAL A 266 6.84 -14.60 7.45
N GLU A 267 7.73 -15.54 7.74
CA GLU A 267 8.41 -16.30 6.70
C GLU A 267 7.50 -17.32 6.02
N LEU A 268 6.30 -17.55 6.52
CA LEU A 268 5.45 -18.61 5.97
C LEU A 268 4.69 -18.19 4.72
N MET A 269 4.46 -16.89 4.53
CA MET A 269 3.64 -16.45 3.40
C MET A 269 3.95 -14.99 3.08
N GLY A 270 4.05 -14.69 1.80
CA GLY A 270 4.29 -13.32 1.41
C GLY A 270 4.80 -13.28 -0.01
N LEU A 271 5.30 -12.10 -0.38
CA LEU A 271 5.75 -11.86 -1.74
C LEU A 271 7.08 -11.13 -1.64
N ASP A 272 8.14 -11.75 -2.16
CA ASP A 272 9.48 -11.20 -2.10
C ASP A 272 9.97 -10.72 -3.45
N VAL A 273 10.79 -9.68 -3.41
CA VAL A 273 11.49 -9.17 -4.59
C VAL A 273 12.73 -10.02 -4.81
N VAL A 274 12.99 -10.38 -6.06
CA VAL A 274 14.14 -11.23 -6.39
C VAL A 274 14.88 -10.66 -7.60
N GLY A 277 12.12 -9.86 -10.83
CA GLY A 277 10.74 -10.23 -10.62
C GLY A 277 10.34 -10.45 -9.17
N PHE A 278 9.29 -11.25 -8.98
CA PHE A 278 8.76 -11.54 -7.66
C PHE A 278 8.87 -13.03 -7.40
N ARG A 279 8.88 -13.41 -6.12
CA ARG A 279 8.70 -14.82 -5.76
C ARG A 279 7.59 -14.90 -4.74
N ASN A 280 6.56 -15.71 -5.04
CA ASN A 280 5.48 -15.94 -4.10
C ASN A 280 5.96 -16.92 -3.03
N ILE A 281 5.73 -16.58 -1.76
CA ILE A 281 6.09 -17.46 -0.66
C ILE A 281 4.81 -18.06 -0.09
N LEU A 282 4.75 -19.39 -0.02
CA LEU A 282 3.59 -20.10 0.49
C LEU A 282 4.13 -21.41 1.05
N ARG A 283 4.43 -21.43 2.34
CA ARG A 283 5.08 -22.59 2.93
C ARG A 283 4.05 -23.64 3.32
N PRO A 284 4.39 -24.92 3.22
CA PRO A 284 3.42 -25.98 3.56
C PRO A 284 2.85 -25.83 4.96
N GLU A 285 3.64 -25.28 5.88
CA GLU A 285 3.24 -25.07 7.27
C GLU A 285 2.11 -24.06 7.45
N VAL A 286 1.72 -23.34 6.39
CA VAL A 286 0.74 -22.27 6.55
C VAL A 286 -0.54 -22.82 7.16
N SER A 287 -1.07 -23.91 6.60
CA SER A 287 -2.38 -24.40 7.03
C SER A 287 -2.37 -24.76 8.52
N ASP A 288 -1.27 -25.35 9.01
CA ASP A 288 -1.21 -25.67 10.43
C ASP A 288 -1.04 -24.42 11.29
N ALA A 289 -0.32 -23.42 10.79
CA ALA A 289 -0.16 -22.16 11.52
C ALA A 289 -1.47 -21.38 11.60
N LEU A 290 -2.37 -21.56 10.63
CA LEU A 290 -3.68 -20.89 10.68
C LEU A 290 -4.46 -21.27 11.93
N LYS A 291 -4.31 -22.51 12.40
CA LYS A 291 -5.03 -23.00 13.59
C LYS A 291 -4.72 -22.18 14.82
N GLN A 292 -3.59 -21.51 14.85
CA GLN A 292 -3.26 -20.73 16.03
C GLN A 292 -4.06 -19.42 16.07
N GLY A 293 -4.51 -18.95 14.90
CA GLY A 293 -5.25 -17.70 14.81
C GLY A 293 -6.75 -17.81 14.61
N LEU A 294 -7.22 -18.85 13.90
CA LEU A 294 -8.62 -18.92 13.46
C LEU A 294 -9.58 -18.89 14.65
N ARG A 295 -9.51 -19.88 15.55
CA ARG A 295 -10.54 -19.88 16.58
C ARG A 295 -10.36 -18.72 17.58
N PRO A 296 -9.15 -18.35 18.00
CA PRO A 296 -9.02 -17.13 18.82
C PRO A 296 -9.67 -15.91 18.20
N LEU A 297 -9.48 -15.72 16.89
CA LEU A 297 -10.08 -14.60 16.18
C LEU A 297 -11.60 -14.73 16.11
N ILE A 298 -12.09 -15.81 15.50
CA ILE A 298 -13.52 -15.89 15.21
C ILE A 298 -14.34 -16.07 16.48
N ASN A 299 -13.92 -16.95 17.39
CA ASN A 299 -14.76 -17.15 18.57
C ASN A 299 -14.74 -15.94 19.48
N GLY A 300 -13.63 -15.20 19.53
CA GLY A 300 -13.63 -13.94 20.25
C GLY A 300 -14.58 -12.91 19.63
N LEU A 301 -14.51 -12.76 18.32
CA LEU A 301 -15.42 -11.85 17.61
C LEU A 301 -16.88 -12.21 17.85
N LEU A 302 -17.22 -13.49 17.67
CA LEU A 302 -18.61 -13.91 17.83
C LEU A 302 -19.08 -13.74 19.27
N ALA A 303 -18.25 -14.15 20.23
CA ALA A 303 -18.65 -14.04 21.64
C ALA A 303 -18.94 -12.59 22.00
N ASP A 304 -18.13 -11.66 21.51
CA ASP A 304 -18.37 -10.25 21.82
C ASP A 304 -19.60 -9.70 21.11
N ASN A 305 -20.17 -10.43 20.15
CA ASN A 305 -21.46 -10.09 19.57
C ASN A 305 -22.56 -11.07 20.00
N ASN A 306 -22.32 -11.79 21.09
CA ASN A 306 -23.33 -12.63 21.75
C ASN A 306 -23.87 -13.74 20.86
N ILE A 307 -23.05 -14.30 19.96
CA ILE A 307 -23.47 -15.48 19.21
C ILE A 307 -22.32 -16.49 19.16
N GLU A 308 -22.65 -17.72 18.77
CA GLU A 308 -21.70 -18.80 18.60
C GLU A 308 -21.52 -19.10 17.12
N SER A 309 -20.40 -19.75 16.77
CA SER A 309 -20.15 -20.05 15.36
C SER A 309 -21.26 -20.88 14.76
N GLU A 310 -21.91 -21.72 15.57
CA GLU A 310 -22.97 -22.57 15.05
C GLU A 310 -24.22 -21.78 14.67
N ASN A 311 -24.33 -20.52 15.13
CA ASN A 311 -25.38 -19.59 14.73
C ASN A 311 -25.23 -19.13 13.27
N LEU A 312 -24.05 -19.27 12.69
CA LEU A 312 -23.79 -18.70 11.36
C LEU A 312 -24.56 -19.46 10.29
N TYR A 313 -25.34 -18.71 9.50
CA TYR A 313 -26.05 -19.32 8.38
C TYR A 313 -25.11 -19.57 7.21
N ARG A 314 -24.18 -18.63 6.96
CA ARG A 314 -23.34 -18.70 5.77
C ARG A 314 -21.91 -18.40 6.15
N TRP A 315 -20.98 -19.20 5.66
CA TRP A 315 -19.54 -18.91 5.73
C TRP A 315 -19.06 -18.48 4.35
N ILE A 316 -18.16 -17.50 4.30
CA ILE A 316 -17.55 -17.05 3.04
C ILE A 316 -16.05 -17.02 3.33
N VAL A 317 -15.35 -18.11 3.03
CA VAL A 317 -13.97 -18.33 3.48
C VAL A 317 -13.06 -18.30 2.27
N HIS A 318 -12.08 -17.39 2.27
CA HIS A 318 -11.09 -17.32 1.20
C HIS A 318 -10.40 -18.67 1.03
N PRO A 319 -10.39 -19.24 -0.18
CA PRO A 319 -9.68 -20.52 -0.40
C PRO A 319 -8.19 -20.30 -0.66
N GLY A 320 -7.43 -20.13 0.42
CA GLY A 320 -6.06 -19.66 0.32
C GLY A 320 -4.92 -20.65 0.47
N GLY A 321 -4.93 -21.70 -0.34
CA GLY A 321 -3.81 -22.63 -0.36
C GLY A 321 -4.18 -24.01 0.14
N PRO A 322 -3.32 -24.98 -0.13
CA PRO A 322 -3.66 -26.37 0.17
C PRO A 322 -4.02 -26.55 1.64
N LYS A 323 -5.06 -27.36 1.88
CA LYS A 323 -5.55 -27.72 3.20
C LYS A 323 -6.27 -26.59 3.93
N VAL A 324 -6.29 -25.36 3.38
CA VAL A 324 -6.84 -24.25 4.15
C VAL A 324 -8.34 -24.44 4.40
N ILE A 325 -9.09 -24.74 3.33
CA ILE A 325 -10.52 -25.00 3.47
C ILE A 325 -10.76 -26.16 4.43
N ASP A 326 -10.06 -27.28 4.20
CA ASP A 326 -10.18 -28.43 5.09
C ASP A 326 -9.86 -28.05 6.54
N THR A 327 -8.89 -27.16 6.73
CA THR A 327 -8.50 -26.81 8.10
C THR A 327 -9.59 -26.00 8.79
N VAL A 328 -10.18 -25.02 8.09
CA VAL A 328 -11.28 -24.27 8.69
C VAL A 328 -12.43 -25.20 9.04
N GLU A 329 -12.74 -26.12 8.13
CA GLU A 329 -13.82 -27.08 8.33
C GLU A 329 -13.61 -27.88 9.61
N ALA A 330 -12.39 -28.37 9.82
CA ALA A 330 -12.08 -29.18 10.99
C ALA A 330 -12.11 -28.34 12.26
N GLU A 331 -11.51 -27.14 12.22
CA GLU A 331 -11.44 -26.32 13.43
C GLU A 331 -12.84 -26.01 13.96
N PHE A 332 -13.79 -25.72 13.07
CA PHE A 332 -15.11 -25.34 13.49
C PHE A 332 -16.13 -26.46 13.42
N GLY A 333 -15.69 -27.68 13.13
CA GLY A 333 -16.62 -28.81 13.12
C GLY A 333 -17.72 -28.67 12.11
N LEU A 334 -17.40 -28.14 10.93
CA LEU A 334 -18.44 -27.84 9.96
C LEU A 334 -18.79 -29.07 9.13
N ASP A 335 -20.02 -29.07 8.61
CA ASP A 335 -20.44 -30.07 7.64
C ASP A 335 -19.64 -29.94 6.36
N SER A 336 -19.57 -31.05 5.61
CA SER A 336 -18.77 -31.11 4.38
C SER A 336 -19.23 -30.11 3.31
N GLN A 337 -20.44 -29.58 3.41
CA GLN A 337 -20.91 -28.64 2.40
C GLN A 337 -20.94 -27.19 2.86
N THR A 338 -20.66 -26.93 4.14
CA THR A 338 -20.76 -25.55 4.63
C THR A 338 -19.79 -24.61 3.91
N LEU A 339 -18.62 -25.10 3.50
CA LEU A 339 -17.63 -24.28 2.79
C LEU A 339 -17.58 -24.60 1.30
N GLN A 340 -18.65 -25.17 0.74
CA GLN A 340 -18.62 -25.56 -0.67
C GLN A 340 -18.36 -24.35 -1.58
N LEU A 341 -18.87 -23.18 -1.21
CA LEU A 341 -18.64 -21.98 -2.02
C LEU A 341 -17.16 -21.71 -2.23
N SER A 342 -16.33 -22.01 -1.22
CA SER A 342 -14.89 -21.88 -1.40
C SER A 342 -14.37 -22.81 -2.47
N ARG A 343 -14.82 -24.08 -2.44
CA ARG A 343 -14.34 -25.05 -3.43
C ARG A 343 -14.86 -24.73 -4.83
N ASP A 344 -16.14 -24.37 -4.97
CA ASP A 344 -16.67 -24.04 -6.29
C ASP A 344 -15.96 -22.84 -6.86
N THR A 345 -15.61 -21.88 -6.01
CA THR A 345 -14.96 -20.67 -6.49
C THR A 345 -13.57 -21.02 -7.03
N LEU A 346 -12.81 -21.80 -6.26
CA LEU A 346 -11.51 -22.28 -6.70
C LEU A 346 -11.64 -23.03 -8.02
N ALA A 347 -12.69 -23.84 -8.17
CA ALA A 347 -12.88 -24.57 -9.43
C ALA A 347 -13.07 -23.60 -10.60
N GLU A 348 -13.89 -22.56 -10.40
CA GLU A 348 -14.29 -21.68 -11.50
C GLU A 348 -13.17 -20.74 -11.92
N VAL A 349 -12.47 -20.11 -10.97
CA VAL A 349 -11.55 -19.04 -11.28
C VAL A 349 -10.18 -19.19 -10.60
N GLY A 350 -9.95 -20.27 -9.87
CA GLY A 350 -8.69 -20.43 -9.14
C GLY A 350 -8.58 -19.47 -7.96
N ASN A 351 -7.36 -19.28 -7.47
CA ASN A 351 -7.11 -18.37 -6.35
C ASN A 351 -6.75 -17.02 -6.95
N ILE A 352 -7.71 -16.09 -6.94
CA ILE A 352 -7.47 -14.73 -7.44
C ILE A 352 -7.15 -13.80 -6.27
N SER A 353 -6.52 -14.35 -5.23
CA SER A 353 -5.90 -13.57 -4.16
C SER A 353 -6.94 -12.65 -3.52
N SER A 354 -6.64 -11.36 -3.34
CA SER A 354 -7.50 -10.46 -2.58
C SER A 354 -8.91 -10.37 -3.17
N ALA A 355 -9.05 -10.56 -4.48
CA ALA A 355 -10.36 -10.48 -5.12
C ALA A 355 -11.27 -11.67 -4.82
N THR A 356 -10.74 -12.78 -4.33
CA THR A 356 -11.54 -14.01 -4.29
C THR A 356 -12.77 -13.85 -3.42
N VAL A 357 -12.62 -13.33 -2.19
CA VAL A 357 -13.82 -13.26 -1.35
C VAL A 357 -14.84 -12.27 -1.88
N LEU A 358 -14.42 -11.28 -2.69
CA LEU A 358 -15.41 -10.38 -3.28
C LEU A 358 -16.21 -11.09 -4.36
N TYR A 359 -15.54 -11.94 -5.13
CA TYR A 359 -16.23 -12.78 -6.12
C TYR A 359 -17.22 -13.71 -5.40
N MET A 360 -16.79 -14.28 -4.27
CA MET A 360 -17.68 -15.14 -3.50
C MET A 360 -18.86 -14.35 -2.94
N LEU A 361 -18.61 -13.16 -2.36
CA LEU A 361 -19.71 -12.34 -1.85
C LEU A 361 -20.66 -11.97 -2.98
N ASP A 362 -20.11 -11.70 -4.15
CA ASP A 362 -20.92 -11.42 -5.32
C ASP A 362 -21.84 -12.60 -5.66
N LYS A 363 -21.30 -13.83 -5.62
CA LYS A 363 -22.15 -15.00 -5.89
C LYS A 363 -23.28 -15.10 -4.88
N VAL A 364 -22.98 -14.86 -3.59
CA VAL A 364 -24.00 -14.98 -2.56
C VAL A 364 -25.11 -13.96 -2.78
N LEU A 365 -24.73 -12.70 -3.01
CA LEU A 365 -25.72 -11.63 -3.17
C LEU A 365 -26.52 -11.79 -4.46
N SER A 366 -25.93 -12.34 -5.50
CA SER A 366 -26.59 -12.36 -6.79
C SER A 366 -27.33 -13.65 -7.07
N GLU A 367 -26.88 -14.78 -6.51
CA GLU A 367 -27.42 -16.07 -6.87
C GLU A 367 -28.06 -16.84 -5.73
N GLU A 368 -27.80 -16.46 -4.47
CA GLU A 368 -28.31 -17.24 -3.37
C GLU A 368 -29.38 -16.48 -2.60
N GLN A 369 -30.14 -17.25 -1.82
CA GLN A 369 -31.15 -16.73 -0.93
C GLN A 369 -30.62 -16.74 0.49
N SER A 370 -30.72 -15.59 1.14
CA SER A 370 -30.20 -15.41 2.50
C SER A 370 -31.37 -15.13 3.42
N PRO A 371 -31.71 -16.01 4.35
CA PRO A 371 -32.89 -15.79 5.17
C PRO A 371 -32.77 -14.47 5.92
N PRO A 372 -33.88 -13.78 6.13
CA PRO A 372 -33.83 -12.54 6.90
C PRO A 372 -33.28 -12.79 8.29
N ASP A 373 -32.46 -11.85 8.76
CA ASP A 373 -31.80 -11.85 10.07
C ASP A 373 -30.78 -12.96 10.24
N SER A 374 -30.35 -13.61 9.17
CA SER A 374 -29.34 -14.65 9.33
C SER A 374 -27.96 -14.00 9.41
N TYR A 375 -27.00 -14.73 10.00
CA TYR A 375 -25.64 -14.25 10.15
C TYR A 375 -24.73 -14.90 9.12
N GLY A 376 -23.75 -14.12 8.62
CA GLY A 376 -22.72 -14.65 7.77
C GLY A 376 -21.37 -14.22 8.29
N LEU A 377 -20.33 -14.97 7.90
CA LEU A 377 -18.97 -14.64 8.30
C LEU A 377 -18.08 -14.68 7.07
N ILE A 378 -17.40 -13.57 6.80
CA ILE A 378 -16.32 -13.54 5.81
C ILE A 378 -15.02 -13.79 6.56
N VAL A 379 -14.20 -14.72 6.06
CA VAL A 379 -12.92 -15.05 6.67
C VAL A 379 -11.87 -15.04 5.59
N ALA A 380 -10.73 -14.37 5.82
CA ALA A 380 -9.64 -14.53 4.88
C ALA A 380 -8.32 -14.56 5.63
N MET A 381 -7.29 -15.09 4.98
CA MET A 381 -6.00 -15.23 5.63
C MET A 381 -4.97 -14.81 4.61
N GLY A 382 -3.89 -14.20 5.09
CA GLY A 382 -2.86 -13.73 4.19
C GLY A 382 -1.52 -13.57 4.87
N PRO A 383 -0.58 -12.98 4.14
CA PRO A 383 0.77 -12.75 4.71
C PRO A 383 0.69 -12.02 6.03
N GLY A 384 1.54 -12.43 6.97
CA GLY A 384 1.54 -11.90 8.31
C GLY A 384 2.25 -12.81 9.30
N LEU A 385 1.72 -14.01 9.53
CA LEU A 385 0.47 -14.53 8.99
C LEU A 385 -0.75 -13.87 9.61
N ALA A 386 -1.63 -13.29 8.80
CA ALA A 386 -2.75 -12.50 9.31
C ALA A 386 -4.07 -13.13 8.90
N GLN A 387 -5.08 -12.94 9.74
CA GLN A 387 -6.44 -13.36 9.41
C GLN A 387 -7.39 -12.22 9.67
N GLU A 388 -8.49 -12.21 8.95
CA GLU A 388 -9.50 -11.17 9.05
C GLU A 388 -10.86 -11.84 9.07
N ALA A 389 -11.72 -11.41 9.98
CA ALA A 389 -13.08 -11.93 10.07
C ALA A 389 -14.06 -10.76 10.09
N ILE A 390 -15.18 -10.91 9.37
CA ILE A 390 -16.21 -9.87 9.30
C ILE A 390 -17.55 -10.54 9.56
N LEU A 391 -18.30 -10.04 10.54
CA LEU A 391 -19.62 -10.57 10.86
C LEU A 391 -20.68 -9.77 10.11
N LEU A 392 -21.53 -10.48 9.37
CA LEU A 392 -22.60 -9.91 8.57
C LEU A 392 -23.94 -10.36 9.13
N LYS A 393 -24.95 -9.50 9.01
CA LYS A 393 -26.32 -9.84 9.40
C LYS A 393 -27.27 -9.34 8.33
N TRP A 394 -28.08 -10.24 7.79
CA TRP A 394 -29.13 -9.82 6.89
C TRP A 394 -30.35 -9.38 7.71
N THR B 23 -10.02 14.82 16.99
CA THR B 23 -8.80 14.02 17.15
C THR B 23 -7.60 14.87 17.59
N TYR B 24 -6.83 14.35 18.55
CA TYR B 24 -5.71 15.06 19.13
C TYR B 24 -4.39 14.41 18.70
N ILE B 25 -3.46 15.24 18.23
CA ILE B 25 -2.09 14.79 18.05
C ILE B 25 -1.38 14.93 19.38
N VAL B 26 -0.93 13.82 19.94
CA VAL B 26 -0.40 13.83 21.30
C VAL B 26 1.12 14.00 21.31
N SER B 27 1.85 13.31 20.43
CA SER B 27 3.30 13.32 20.52
C SER B 27 3.87 12.76 19.22
N THR B 28 5.17 12.95 19.06
CA THR B 28 5.87 12.52 17.86
C THR B 28 7.23 11.99 18.24
N SER B 29 7.87 11.31 17.30
CA SER B 29 9.25 10.89 17.44
C SER B 29 9.81 10.70 16.04
N THR B 30 11.14 10.65 15.94
CA THR B 30 11.82 10.37 14.68
C THR B 30 12.89 9.32 14.91
N ALA B 31 13.39 8.74 13.82
CA ALA B 31 14.52 7.84 13.92
C ALA B 31 15.31 7.94 12.63
N PHE B 32 16.64 8.00 12.76
CA PHE B 32 17.48 8.13 11.60
C PHE B 32 18.58 7.07 11.64
N PRO B 33 19.09 6.66 10.47
CA PRO B 33 20.18 5.68 10.46
C PRO B 33 21.46 6.28 11.01
N GLU B 34 22.52 5.49 11.13
CA GLU B 34 23.71 5.99 11.81
C GLU B 34 24.58 6.88 10.93
N ASN B 35 24.59 6.69 9.60
CA ASN B 35 25.52 7.42 8.73
C ASN B 35 24.88 8.69 8.14
N TYR B 36 25.42 9.84 8.52
CA TYR B 36 25.02 11.14 8.00
C TYR B 36 26.14 11.64 7.08
N TYR B 37 25.81 11.91 5.80
CA TYR B 37 26.83 12.36 4.87
C TYR B 37 26.63 13.83 4.53
N PRO B 38 27.66 14.65 4.58
CA PRO B 38 27.53 16.01 4.03
C PRO B 38 27.12 15.91 2.57
N GLN B 39 26.29 16.87 2.15
CA GLN B 39 25.88 16.95 0.75
C GLN B 39 27.07 17.05 -0.19
N THR B 40 28.14 17.75 0.22
CA THR B 40 29.30 17.83 -0.66
C THR B 40 29.96 16.47 -0.85
N VAL B 41 29.90 15.58 0.16
CA VAL B 41 30.50 14.26 0.02
C VAL B 41 29.66 13.41 -0.94
N LEU B 42 28.33 13.53 -0.86
CA LEU B 42 27.48 12.80 -1.78
C LEU B 42 27.65 13.30 -3.22
N ALA B 43 27.73 14.62 -3.41
CA ALA B 43 28.04 15.15 -4.75
C ALA B 43 29.36 14.58 -5.27
N ALA B 44 30.39 14.59 -4.42
CA ALA B 44 31.68 14.05 -4.83
C ALA B 44 31.60 12.56 -5.16
N ALA B 45 30.80 11.81 -4.40
CA ALA B 45 30.67 10.37 -4.67
C ALA B 45 30.08 10.13 -6.05
N LEU B 46 29.08 10.93 -6.44
CA LEU B 46 28.49 10.77 -7.77
C LEU B 46 29.42 11.27 -8.86
N ARG B 47 30.16 12.37 -8.61
CA ARG B 47 31.13 12.81 -9.61
C ARG B 47 32.18 11.74 -9.86
N ARG B 48 32.60 11.06 -8.80
CA ARG B 48 33.62 10.03 -8.97
C ARG B 48 33.07 8.87 -9.79
N PHE B 49 31.78 8.55 -9.58
CA PHE B 49 31.13 7.52 -10.39
C PHE B 49 31.11 7.93 -11.87
N PHE B 50 30.73 9.17 -12.16
CA PHE B 50 30.77 9.65 -13.54
C PHE B 50 32.18 9.53 -14.11
N THR B 51 33.18 9.90 -13.32
CA THR B 51 34.54 9.94 -13.81
C THR B 51 35.10 8.53 -14.03
N VAL B 52 34.92 7.63 -13.05
CA VAL B 52 35.45 6.29 -13.22
C VAL B 52 34.79 5.60 -14.42
N MET B 53 33.53 5.93 -14.70
CA MET B 53 32.77 5.36 -15.80
C MET B 53 33.03 6.06 -17.13
N GLU B 54 33.79 7.15 -17.12
CA GLU B 54 34.06 7.96 -18.31
C GLU B 54 32.78 8.41 -19.00
N LEU B 55 31.82 8.88 -18.21
CA LEU B 55 30.58 9.40 -18.76
C LEU B 55 30.79 10.81 -19.29
N ASP B 56 30.40 11.03 -20.55
CA ASP B 56 30.58 12.32 -21.20
C ASP B 56 29.42 13.24 -20.80
N PHE B 57 29.55 13.84 -19.63
CA PHE B 57 28.56 14.78 -19.14
C PHE B 57 29.24 15.84 -18.28
N ASP B 58 28.69 17.06 -18.29
CA ASP B 58 29.28 18.17 -17.54
C ASP B 58 29.14 17.91 -16.05
N LEU B 59 30.26 17.57 -15.40
CA LEU B 59 30.28 17.31 -13.97
C LEU B 59 29.80 18.50 -13.15
N GLU B 60 29.84 19.71 -13.71
CA GLU B 60 29.37 20.87 -12.96
C GLU B 60 27.87 20.84 -12.75
N GLN B 61 27.15 20.07 -13.57
CA GLN B 61 25.70 19.92 -13.38
C GLN B 61 25.40 19.17 -12.09
N ILE B 62 26.26 18.23 -11.69
CA ILE B 62 26.08 17.57 -10.41
C ILE B 62 26.18 18.59 -9.28
N ASP B 63 27.27 19.35 -9.26
CA ASP B 63 27.44 20.38 -8.23
C ASP B 63 26.27 21.35 -8.23
N ARG B 64 25.85 21.79 -9.41
CA ARG B 64 24.76 22.75 -9.52
C ARG B 64 23.49 22.24 -8.83
N PHE B 65 23.07 21.01 -9.14
CA PHE B 65 21.81 20.56 -8.55
C PHE B 65 22.00 20.09 -7.10
N PHE B 66 23.14 19.50 -6.75
CA PHE B 66 23.36 19.18 -5.35
C PHE B 66 23.44 20.44 -4.49
N THR B 67 23.92 21.56 -5.06
CA THR B 67 23.93 22.80 -4.32
C THR B 67 22.57 23.49 -4.32
N ASN B 68 21.92 23.53 -5.47
CA ASN B 68 20.70 24.32 -5.60
C ASN B 68 19.50 23.73 -4.86
N VAL B 69 19.56 22.45 -4.42
CA VAL B 69 18.46 21.91 -3.62
C VAL B 69 18.50 22.39 -2.17
N LYS B 70 19.60 23.02 -1.74
CA LYS B 70 19.68 23.65 -0.42
C LYS B 70 19.60 22.62 0.71
N ILE B 71 20.38 21.56 0.59
CA ILE B 71 20.47 20.49 1.56
C ILE B 71 21.92 20.43 2.06
N ASP B 72 22.11 20.43 3.38
CA ASP B 72 23.48 20.40 3.92
C ASP B 72 24.01 18.99 4.10
N GLY B 73 23.14 18.00 4.25
CA GLY B 73 23.58 16.63 4.48
C GLY B 73 22.36 15.74 4.61
N ARG B 74 22.61 14.43 4.47
CA ARG B 74 21.53 13.45 4.41
C ARG B 74 21.95 12.18 5.12
N TYR B 75 20.98 11.52 5.78
CA TYR B 75 21.19 10.17 6.28
C TYR B 75 20.97 9.14 5.19
N PHE B 76 21.90 8.20 5.05
CA PHE B 76 21.77 7.05 4.15
C PHE B 76 21.84 5.78 4.99
N ALA B 77 20.76 4.99 4.98
CA ALA B 77 20.82 3.71 5.68
C ALA B 77 21.67 2.70 4.93
N LEU B 78 21.68 2.77 3.61
CA LEU B 78 22.32 1.77 2.77
C LEU B 78 23.67 2.30 2.27
N PRO B 79 24.57 1.41 1.85
CA PRO B 79 25.98 1.81 1.67
C PRO B 79 26.22 2.81 0.56
N LEU B 80 27.21 3.66 0.77
CA LEU B 80 27.67 4.58 -0.26
C LEU B 80 28.81 3.96 -1.06
N LEU B 83 27.95 2.90 -4.99
CA LEU B 83 27.86 3.34 -6.39
C LEU B 83 28.67 2.45 -7.31
N LEU B 84 29.88 2.13 -6.86
CA LEU B 84 30.85 1.51 -7.75
C LEU B 84 30.64 0.02 -7.88
N ASP B 85 30.19 -0.63 -6.81
CA ASP B 85 30.08 -2.09 -6.76
C ASP B 85 28.72 -2.47 -6.17
N PRO B 86 27.66 -2.48 -6.98
CA PRO B 86 26.31 -2.60 -6.43
C PRO B 86 25.95 -4.05 -6.16
N PRO B 87 25.26 -4.34 -5.04
CA PRO B 87 24.76 -5.70 -4.81
C PRO B 87 23.56 -6.02 -5.68
N THR B 88 23.02 -7.23 -5.56
CA THR B 88 21.80 -7.58 -6.27
C THR B 88 20.62 -6.78 -5.72
N TRP B 89 19.62 -6.55 -6.58
CA TRP B 89 18.43 -5.83 -6.14
C TRP B 89 17.73 -6.57 -5.00
N GLY B 90 17.66 -7.90 -5.09
CA GLY B 90 17.11 -8.67 -4.00
C GLY B 90 17.78 -8.36 -2.66
N VAL B 91 19.11 -8.29 -2.65
CA VAL B 91 19.83 -8.00 -1.41
C VAL B 91 19.54 -6.58 -0.95
N SER B 92 19.45 -5.62 -1.88
CA SER B 92 19.13 -4.26 -1.48
C SER B 92 17.73 -4.16 -0.89
N ILE B 93 16.75 -4.86 -1.47
CA ILE B 93 15.41 -4.85 -0.88
C ILE B 93 15.43 -5.48 0.50
N SER B 94 16.19 -6.56 0.68
CA SER B 94 16.31 -7.19 2.00
C SER B 94 16.89 -6.22 3.02
N ARG B 95 17.98 -5.52 2.66
CA ARG B 95 18.53 -4.49 3.54
C ARG B 95 17.55 -3.34 3.75
N GLY B 96 16.86 -2.92 2.70
CA GLY B 96 15.89 -1.84 2.86
C GLY B 96 14.76 -2.21 3.82
N LEU B 97 14.23 -3.43 3.69
CA LEU B 97 13.23 -3.93 4.64
C LEU B 97 13.75 -3.90 6.07
N GLU B 98 14.94 -4.46 6.28
CA GLU B 98 15.51 -4.52 7.61
C GLU B 98 15.70 -3.14 8.21
N ASN B 99 16.28 -2.22 7.44
CA ASN B 99 16.49 -0.87 7.93
C ASN B 99 15.17 -0.14 8.18
N SER B 100 14.19 -0.32 7.29
CA SER B 100 12.87 0.29 7.52
C SER B 100 12.28 -0.18 8.85
N LEU B 101 12.34 -1.49 9.10
CA LEU B 101 11.83 -2.03 10.35
C LEU B 101 12.60 -1.50 11.53
N ASN B 102 13.94 -1.47 11.45
CA ASN B 102 14.74 -0.97 12.56
C ASN B 102 14.38 0.48 12.88
N LEU B 103 14.26 1.32 11.85
CA LEU B 103 13.94 2.72 12.09
C LEU B 103 12.54 2.87 12.67
N ALA B 104 11.56 2.13 12.14
CA ALA B 104 10.21 2.23 12.65
C ALA B 104 10.12 1.75 14.09
N GLU B 105 10.81 0.67 14.41
CA GLU B 105 10.80 0.17 15.78
C GLU B 105 11.37 1.21 16.72
N THR B 106 12.50 1.81 16.36
CA THR B 106 13.11 2.83 17.21
C THR B 106 12.15 3.98 17.45
N ALA B 107 11.56 4.51 16.37
CA ALA B 107 10.66 5.65 16.51
C ALA B 107 9.47 5.29 17.37
N ILE B 108 8.85 4.14 17.10
CA ILE B 108 7.66 3.78 17.86
C ILE B 108 7.99 3.57 19.34
N THR B 109 9.12 2.94 19.63
CA THR B 109 9.48 2.75 21.03
C THR B 109 9.75 4.08 21.73
N LYS B 110 10.42 5.01 21.07
CA LYS B 110 10.61 6.32 21.68
C LYS B 110 9.27 6.99 21.93
N LEU B 111 8.35 6.85 20.97
CA LEU B 111 7.02 7.46 21.09
C LEU B 111 6.28 6.89 22.30
N LEU B 112 6.25 5.56 22.42
CA LEU B 112 5.54 4.91 23.52
C LEU B 112 6.18 5.25 24.86
N GLU B 113 7.52 5.30 24.90
CA GLU B 113 8.21 5.59 26.16
C GLU B 113 7.96 7.02 26.60
N LYS B 114 7.99 7.97 25.66
CA LYS B 114 7.86 9.37 26.05
C LYS B 114 6.45 9.71 26.49
N THR B 115 5.45 8.93 26.07
CA THR B 115 4.06 9.16 26.45
C THR B 115 3.59 8.19 27.51
N ASN B 116 4.43 7.24 27.91
CA ASN B 116 4.07 6.22 28.89
C ASN B 116 2.80 5.48 28.47
N VAL B 117 2.75 5.08 27.22
CA VAL B 117 1.64 4.29 26.68
C VAL B 117 2.12 2.87 26.44
N GLN B 118 1.34 1.90 26.87
CA GLN B 118 1.66 0.50 26.65
C GLN B 118 1.26 0.08 25.24
N PRO B 119 2.09 -0.70 24.55
CA PRO B 119 1.72 -1.18 23.19
C PRO B 119 0.35 -1.83 23.14
N GLN B 120 -0.05 -2.55 24.19
CA GLN B 120 -1.34 -3.24 24.18
C GLN B 120 -2.50 -2.25 24.21
N ASP B 121 -2.26 -0.99 24.56
CA ASP B 121 -3.30 0.02 24.60
C ASP B 121 -3.36 0.85 23.33
N ILE B 122 -2.62 0.46 22.29
CA ILE B 122 -2.74 1.05 20.97
C ILE B 122 -3.75 0.21 20.18
N SER B 123 -4.77 0.87 19.60
CA SER B 123 -5.79 0.14 18.84
C SER B 123 -5.48 0.01 17.35
N LEU B 124 -4.76 0.96 16.78
CA LEU B 124 -4.51 1.01 15.34
C LEU B 124 -3.07 1.42 15.08
N LEU B 125 -2.41 0.70 14.18
CA LEU B 125 -1.06 1.00 13.73
C LEU B 125 -1.11 1.24 12.23
N ALA B 126 -0.88 2.48 11.81
CA ALA B 126 -0.94 2.87 10.41
C ALA B 126 0.47 3.09 9.90
N SER B 127 0.72 2.74 8.65
CA SER B 127 2.06 2.87 8.10
C SER B 127 2.01 3.41 6.68
N VAL B 128 3.06 4.13 6.30
CA VAL B 128 3.27 4.51 4.90
C VAL B 128 4.75 4.33 4.60
N SER B 129 5.04 3.68 3.49
CA SER B 129 6.41 3.45 3.05
C SER B 129 6.36 2.89 1.64
N MET B 130 7.28 3.31 0.78
CA MET B 130 7.41 2.58 -0.47
C MET B 130 8.42 1.44 -0.42
N THR B 131 8.95 1.12 0.74
CA THR B 131 9.73 -0.11 0.84
C THR B 131 8.83 -1.32 0.56
N PRO B 132 9.13 -2.14 -0.44
CA PRO B 132 8.28 -3.31 -0.74
C PRO B 132 8.21 -4.24 0.47
N ALA B 133 6.99 -4.50 0.94
CA ALA B 133 6.81 -5.32 2.13
C ALA B 133 5.45 -6.03 2.06
N ILE B 134 5.48 -7.32 1.79
CA ILE B 134 4.31 -8.19 1.86
C ILE B 134 4.71 -9.41 2.66
N PRO B 135 4.35 -9.51 3.95
CA PRO B 135 3.46 -8.61 4.70
C PRO B 135 4.04 -7.21 4.97
N SER B 136 3.16 -6.25 5.23
CA SER B 136 3.52 -4.85 5.46
C SER B 136 4.44 -4.69 6.67
N LEU B 137 5.09 -3.52 6.75
CA LEU B 137 6.02 -3.25 7.85
C LEU B 137 5.31 -3.28 9.20
N ASP B 138 4.05 -2.79 9.26
CA ASP B 138 3.31 -2.75 10.51
C ASP B 138 2.99 -4.14 11.04
N GLY B 139 2.72 -5.10 10.15
CA GLY B 139 2.56 -6.47 10.58
C GLY B 139 3.84 -7.08 11.11
N ARG B 140 4.98 -6.84 10.44
CA ARG B 140 6.25 -7.37 10.94
C ARG B 140 6.66 -6.75 12.26
N LEU B 141 6.24 -5.51 12.53
CA LEU B 141 6.61 -4.88 13.79
C LEU B 141 5.88 -5.50 14.97
N MET B 142 4.76 -6.17 14.73
CA MET B 142 4.05 -6.88 15.81
C MET B 142 4.91 -7.95 16.45
N ASN B 143 5.95 -8.41 15.75
CA ASN B 143 6.88 -9.38 16.36
C ASN B 143 8.03 -8.72 17.11
N ARG B 144 8.18 -7.40 17.00
CA ARG B 144 9.21 -6.66 17.72
C ARG B 144 8.70 -5.87 18.92
N ILE B 145 7.42 -5.49 18.90
CA ILE B 145 6.81 -4.71 19.95
C ILE B 145 5.56 -5.44 20.39
N PRO B 146 5.30 -5.60 21.72
CA PRO B 146 4.18 -6.45 22.15
C PRO B 146 2.81 -5.82 21.98
N PHE B 147 2.47 -5.41 20.76
CA PHE B 147 1.08 -5.06 20.47
C PHE B 147 0.19 -6.29 20.70
N SER B 148 -1.09 -6.05 20.93
CA SER B 148 -2.05 -7.13 21.00
C SER B 148 -2.19 -7.79 19.62
N SER B 149 -2.43 -9.11 19.62
CA SER B 149 -2.52 -9.82 18.34
C SER B 149 -3.72 -9.37 17.50
N THR B 150 -4.69 -8.68 18.11
CA THR B 150 -5.85 -8.17 17.38
C THR B 150 -5.71 -6.70 17.02
N LEU B 151 -4.49 -6.16 17.09
CA LEU B 151 -4.21 -4.81 16.63
C LEU B 151 -4.81 -4.58 15.24
N LYS B 152 -5.49 -3.44 15.05
CA LYS B 152 -5.94 -3.04 13.72
C LYS B 152 -4.79 -2.38 13.01
N ARG B 153 -4.67 -2.63 11.71
CA ARG B 153 -3.57 -2.10 10.92
C ARG B 153 -4.10 -1.31 9.74
N LEU B 154 -3.31 -0.34 9.27
CA LEU B 154 -3.68 0.47 8.11
C LEU B 154 -2.44 0.69 7.26
N PRO B 155 -2.06 -0.31 6.46
CA PRO B 155 -0.85 -0.17 5.65
C PRO B 155 -1.17 0.50 4.33
N MET B 156 -0.69 1.70 4.14
CA MET B 156 -0.95 2.45 2.93
C MET B 156 0.29 2.46 2.03
N ASN B 157 0.05 2.62 0.72
CA ASN B 157 1.12 2.78 -0.26
C ASN B 157 0.56 3.55 -1.46
N GLY B 158 1.43 3.77 -2.44
CA GLY B 158 1.04 4.50 -3.62
C GLY B 158 0.87 5.99 -3.41
N VAL B 159 1.41 6.55 -2.32
CA VAL B 159 1.24 7.97 -2.03
C VAL B 159 2.55 8.75 -1.97
N GLY B 160 3.70 8.09 -1.97
CA GLY B 160 4.97 8.81 -2.10
C GLY B 160 5.15 9.88 -1.04
N CYS B 161 5.72 11.02 -1.45
CA CYS B 161 6.02 12.15 -0.54
C CYS B 161 4.82 12.58 0.28
N MET B 162 3.61 12.38 -0.24
CA MET B 162 2.42 12.83 0.47
C MET B 162 2.07 11.98 1.70
N GLY B 163 2.76 10.85 1.93
CA GLY B 163 2.21 9.82 2.81
C GLY B 163 2.07 10.23 4.27
N GLY B 164 3.00 11.05 4.77
CA GLY B 164 2.88 11.49 6.15
C GLY B 164 1.61 12.28 6.42
N ALA B 165 1.37 13.33 5.62
CA ALA B 165 0.12 14.08 5.76
C ALA B 165 -1.08 13.19 5.48
N PHE B 166 -0.98 12.35 4.45
CA PHE B 166 -2.10 11.49 4.09
C PHE B 166 -2.46 10.54 5.25
N GLY B 167 -1.45 9.98 5.89
CA GLY B 167 -1.69 9.08 7.03
C GLY B 167 -2.34 9.77 8.20
N ILE B 168 -1.92 11.01 8.49
CA ILE B 168 -2.58 11.78 9.55
C ILE B 168 -4.06 11.92 9.25
N SER B 169 -4.41 12.23 8.00
CA SER B 169 -5.81 12.39 7.65
C SER B 169 -6.58 11.09 7.83
N ARG B 170 -6.02 9.98 7.34
CA ARG B 170 -6.75 8.72 7.43
C ARG B 170 -6.89 8.26 8.89
N VAL B 171 -5.87 8.49 9.71
CA VAL B 171 -5.99 8.13 11.12
C VAL B 171 -7.01 9.03 11.82
N ALA B 172 -7.00 10.33 11.53
CA ALA B 172 -8.01 11.23 12.10
C ALA B 172 -9.43 10.76 11.73
N ASP B 173 -9.64 10.42 10.45
CA ASP B 173 -10.94 9.88 10.06
C ASP B 173 -11.30 8.63 10.87
N TYR B 174 -10.34 7.75 11.12
CA TYR B 174 -10.60 6.56 11.94
C TYR B 174 -11.03 6.95 13.35
N LEU B 175 -10.29 7.86 13.97
CA LEU B 175 -10.54 8.21 15.36
C LEU B 175 -11.85 8.98 15.53
N LYS B 176 -12.37 9.59 14.46
CA LYS B 176 -13.72 10.16 14.50
C LYS B 176 -14.74 9.13 15.02
N ALA B 177 -14.59 7.87 14.59
CA ALA B 177 -15.51 6.80 14.93
C ALA B 177 -15.08 6.02 16.16
N HIS B 178 -13.90 6.31 16.70
CA HIS B 178 -13.35 5.56 17.84
C HIS B 178 -12.77 6.55 18.84
N PRO B 179 -13.62 7.35 19.48
CA PRO B 179 -13.11 8.47 20.28
C PRO B 179 -12.37 8.05 21.54
N LYS B 180 -12.45 6.79 21.95
CA LYS B 180 -11.74 6.31 23.12
C LYS B 180 -10.35 5.79 22.81
N GLU B 181 -10.01 5.64 21.53
CA GLU B 181 -8.86 4.85 21.11
C GLU B 181 -7.61 5.71 20.87
N ALA B 182 -6.47 5.02 20.86
CA ALA B 182 -5.18 5.60 20.50
C ALA B 182 -4.65 4.90 19.27
N ALA B 183 -3.94 5.64 18.42
CA ALA B 183 -3.40 5.11 17.18
C ALA B 183 -2.00 5.69 16.98
N ILE B 184 -1.15 4.91 16.32
CA ILE B 184 0.19 5.35 15.95
C ILE B 184 0.28 5.31 14.43
N LEU B 185 0.82 6.38 13.85
CA LEU B 185 1.21 6.41 12.44
C LEU B 185 2.72 6.49 12.37
N PHE B 186 3.32 5.70 11.48
CA PHE B 186 4.71 5.93 11.14
C PHE B 186 4.89 5.97 9.62
N ALA B 187 5.92 6.71 9.23
CA ALA B 187 6.35 6.83 7.86
C ALA B 187 7.85 6.62 7.83
N VAL B 188 8.32 5.77 6.93
CA VAL B 188 9.76 5.51 6.83
C VAL B 188 10.09 5.28 5.36
N GLU B 189 11.18 5.91 4.89
CA GLU B 189 11.59 5.72 3.51
C GLU B 189 13.09 5.52 3.43
N ILE B 190 13.52 4.65 2.51
CA ILE B 190 14.95 4.39 2.31
C ILE B 190 15.35 4.86 0.92
N SER B 191 15.45 6.17 0.73
CA SER B 191 15.86 6.71 -0.57
C SER B 191 17.21 6.17 -1.01
N SER B 192 18.10 5.86 -0.06
CA SER B 192 19.42 5.38 -0.43
C SER B 192 19.37 4.08 -1.22
N ALA B 193 18.20 3.39 -1.26
CA ALA B 193 18.08 2.22 -2.13
C ALA B 193 18.34 2.56 -3.59
N LEU B 194 18.04 3.80 -4.00
CA LEU B 194 18.25 4.18 -5.38
C LEU B 194 19.73 4.27 -5.73
N TRP B 195 20.60 4.45 -4.74
CA TRP B 195 22.05 4.49 -4.93
C TRP B 195 22.68 3.10 -4.96
N GLN B 196 21.88 2.03 -4.87
CA GLN B 196 22.37 0.66 -4.88
C GLN B 196 22.35 0.03 -6.26
N GLY B 197 22.19 0.82 -7.31
CA GLY B 197 22.27 0.25 -8.63
C GLY B 197 21.41 0.96 -9.64
N SER B 198 20.25 1.47 -9.19
CA SER B 198 19.27 2.05 -10.11
C SER B 198 19.80 3.34 -10.74
N LEU B 199 20.23 4.28 -9.91
CA LEU B 199 20.76 5.52 -10.47
C LEU B 199 21.97 5.26 -11.35
N GLN B 200 22.84 4.33 -10.93
CA GLN B 200 24.06 4.07 -11.70
C GLN B 200 23.73 3.55 -13.08
N ALA B 201 22.90 2.51 -13.16
CA ALA B 201 22.55 1.92 -14.44
C ALA B 201 21.87 2.94 -15.35
N ASN B 202 20.94 3.73 -14.79
CA ASN B 202 20.15 4.60 -15.66
C ASN B 202 20.98 5.77 -16.18
N LEU B 203 21.76 6.41 -15.30
CA LEU B 203 22.57 7.54 -15.74
C LEU B 203 23.57 7.10 -16.80
N THR B 204 24.11 5.89 -16.67
CA THR B 204 25.09 5.39 -17.63
C THR B 204 24.45 5.22 -19.01
N SER B 205 23.30 4.52 -19.05
CA SER B 205 22.59 4.32 -20.31
C SER B 205 22.19 5.64 -20.94
N LEU B 206 21.55 6.51 -20.16
CA LEU B 206 21.09 7.80 -20.69
C LEU B 206 22.24 8.62 -21.24
N ILE B 207 23.33 8.75 -20.48
CA ILE B 207 24.43 9.60 -20.92
C ILE B 207 25.09 9.01 -22.17
N ARG B 208 25.18 7.69 -22.26
CA ARG B 208 25.81 7.08 -23.43
C ARG B 208 24.91 7.14 -24.67
N ARG B 209 23.59 7.15 -24.50
CA ARG B 209 22.71 7.35 -25.65
C ARG B 209 22.49 8.82 -25.98
N LEU B 210 22.96 9.73 -25.11
CA LEU B 210 22.70 11.15 -25.33
C LEU B 210 23.25 11.71 -26.64
N PRO B 211 24.44 11.34 -27.13
CA PRO B 211 24.90 11.94 -28.40
C PRO B 211 23.97 11.68 -29.57
N GLU B 212 23.34 10.51 -29.63
CA GLU B 212 22.40 10.21 -30.71
C GLU B 212 20.96 10.57 -30.38
N ASN B 213 20.67 11.00 -29.14
CA ASN B 213 19.30 11.32 -28.72
C ASN B 213 19.34 12.49 -27.74
N PRO B 214 19.48 13.72 -28.25
CA PRO B 214 19.57 14.88 -27.36
C PRO B 214 18.34 15.09 -26.48
N SER B 215 17.21 14.48 -26.83
CA SER B 215 16.01 14.56 -25.99
C SER B 215 16.22 13.93 -24.61
N LEU B 216 17.26 13.11 -24.45
CA LEU B 216 17.52 12.46 -23.17
C LEU B 216 18.14 13.40 -22.14
N TYR B 217 18.55 14.61 -22.52
CA TYR B 217 19.20 15.52 -21.57
C TYR B 217 18.35 15.72 -20.32
N SER B 218 17.06 16.02 -20.49
CA SER B 218 16.19 16.27 -19.36
C SER B 218 16.04 15.04 -18.47
N GLU B 219 16.18 13.84 -19.05
CA GLU B 219 16.12 12.61 -18.27
C GLU B 219 17.34 12.49 -17.36
N ILE B 220 18.52 12.81 -17.87
CA ILE B 220 19.73 12.80 -17.03
C ILE B 220 19.60 13.79 -15.89
N ILE B 221 19.12 15.01 -16.19
CA ILE B 221 18.95 16.02 -15.14
C ILE B 221 17.99 15.52 -14.06
N MET B 222 16.88 14.88 -14.46
CA MET B 222 15.94 14.37 -13.47
C MET B 222 16.60 13.37 -12.51
N ASP B 223 17.40 12.45 -13.05
CA ASP B 223 18.08 11.47 -12.20
C ASP B 223 19.11 12.14 -11.29
N ILE B 224 19.82 13.15 -11.80
CA ILE B 224 20.75 13.90 -10.96
C ILE B 224 19.99 14.62 -9.85
N ILE B 225 18.81 15.18 -10.16
CA ILE B 225 18.02 15.88 -9.14
C ILE B 225 17.56 14.88 -8.09
N THR B 226 17.10 13.70 -8.52
CA THR B 226 16.76 12.63 -7.58
C THR B 226 17.93 12.29 -6.66
N ALA B 227 19.13 12.12 -7.23
CA ALA B 227 20.32 11.87 -6.42
C ALA B 227 20.62 13.03 -5.48
N ALA B 228 20.30 14.26 -5.89
CA ALA B 228 20.56 15.43 -5.05
C ALA B 228 19.62 15.51 -3.86
N LEU B 229 18.41 15.01 -3.99
CA LEU B 229 17.31 15.45 -3.13
C LEU B 229 16.93 14.45 -2.04
N PHE B 230 16.77 13.17 -2.36
CA PHE B 230 16.08 12.27 -1.46
C PHE B 230 17.02 11.56 -0.48
N ALA B 231 16.51 11.37 0.74
CA ALA B 231 17.25 10.90 1.90
C ALA B 231 16.40 9.89 2.67
N ASP B 232 16.95 9.37 3.75
CA ASP B 232 16.35 8.31 4.54
C ASP B 232 15.91 8.85 5.90
N GLY B 233 14.87 8.24 6.47
CA GLY B 233 14.45 8.62 7.80
C GLY B 233 13.06 8.11 8.10
N CYS B 234 12.66 8.28 9.37
CA CYS B 234 11.38 7.80 9.87
C CYS B 234 10.79 8.80 10.85
N GLY B 235 9.49 9.01 10.76
CA GLY B 235 8.78 9.77 11.77
C GLY B 235 7.58 8.96 12.24
N ALA B 236 7.16 9.23 13.48
CA ALA B 236 6.00 8.56 14.07
C ALA B 236 5.19 9.57 14.86
N VAL B 237 3.88 9.34 14.94
CA VAL B 237 2.98 10.26 15.61
C VAL B 237 1.97 9.45 16.40
N LEU B 238 1.66 9.90 17.60
CA LEU B 238 0.60 9.32 18.43
C LEU B 238 -0.62 10.21 18.32
N MET B 239 -1.76 9.65 17.89
CA MET B 239 -3.01 10.39 17.91
C MET B 239 -4.08 9.64 18.69
N VAL B 240 -5.00 10.40 19.29
CA VAL B 240 -6.02 9.81 20.14
C VAL B 240 -7.35 10.50 19.88
N GLY B 241 -8.44 9.75 20.09
CA GLY B 241 -9.77 10.32 19.98
C GLY B 241 -10.09 11.23 21.17
N LYS B 242 -11.18 11.98 21.02
CA LYS B 242 -11.47 13.07 21.95
C LYS B 242 -11.71 12.59 23.37
N GLU B 243 -12.15 11.34 23.56
CA GLU B 243 -12.42 10.82 24.89
C GLU B 243 -11.23 10.09 25.51
N HIS B 244 -10.11 10.03 24.81
CA HIS B 244 -8.93 9.40 25.38
C HIS B 244 -8.35 10.27 26.50
N PRO B 245 -7.88 9.66 27.59
CA PRO B 245 -7.29 10.46 28.69
C PRO B 245 -6.13 11.36 28.28
N LEU B 246 -5.45 11.10 27.15
CA LEU B 246 -4.37 11.98 26.72
C LEU B 246 -4.85 13.14 25.85
N ALA B 247 -6.15 13.25 25.60
CA ALA B 247 -6.68 14.36 24.81
C ALA B 247 -6.80 15.59 25.71
N LYS B 248 -5.72 16.38 25.75
CA LYS B 248 -5.60 17.55 26.63
C LYS B 248 -5.53 18.84 25.82
N SER B 249 -6.09 19.92 26.36
CA SER B 249 -5.95 21.21 25.69
C SER B 249 -4.49 21.60 25.61
N GLY B 250 -4.16 22.36 24.58
CA GLY B 250 -2.79 22.70 24.25
C GLY B 250 -2.16 21.81 23.20
N LEU B 251 -2.72 20.61 22.99
CA LEU B 251 -2.30 19.75 21.89
C LEU B 251 -2.98 20.19 20.59
N PRO B 252 -2.34 19.98 19.44
CA PRO B 252 -3.03 20.29 18.19
C PRO B 252 -4.17 19.30 17.97
N GLN B 253 -5.34 19.83 17.62
CA GLN B 253 -6.45 18.99 17.20
C GLN B 253 -6.58 19.02 15.69
N VAL B 254 -6.80 17.85 15.09
CA VAL B 254 -7.15 17.78 13.68
C VAL B 254 -8.63 18.09 13.58
N ILE B 255 -8.97 19.24 13.00
CA ILE B 255 -10.36 19.63 12.91
C ILE B 255 -10.97 19.32 11.54
N ASP B 256 -10.16 19.24 10.48
CA ASP B 256 -10.65 18.88 9.16
C ASP B 256 -9.46 18.46 8.30
N ASN B 257 -9.77 17.83 7.17
CA ASN B 257 -8.74 17.47 6.20
C ASN B 257 -9.41 17.26 4.85
N ARG B 258 -8.62 17.40 3.79
CA ARG B 258 -9.14 17.29 2.44
C ARG B 258 -8.03 16.83 1.50
N SER B 259 -8.42 16.08 0.48
CA SER B 259 -7.54 15.59 -0.56
C SER B 259 -7.85 16.26 -1.89
N PHE B 260 -6.84 16.31 -2.77
CA PHE B 260 -7.06 16.81 -4.11
C PHE B 260 -6.17 16.02 -5.06
N LEU B 261 -6.69 15.69 -6.23
CA LEU B 261 -5.87 15.07 -7.27
C LEU B 261 -6.05 15.85 -8.57
N VAL B 262 -4.95 16.29 -9.15
CA VAL B 262 -5.00 17.12 -10.36
C VAL B 262 -5.16 16.20 -11.58
N PRO B 263 -6.17 16.41 -12.41
CA PRO B 263 -6.38 15.46 -13.52
C PRO B 263 -5.20 15.43 -14.50
N ASN B 264 -4.93 14.22 -14.98
CA ASN B 264 -4.01 13.96 -16.09
C ASN B 264 -2.58 14.40 -15.78
N THR B 265 -2.09 14.03 -14.59
CA THR B 265 -0.73 14.38 -14.20
C THR B 265 0.00 13.20 -13.58
N VAL B 266 -0.44 11.98 -13.89
CA VAL B 266 0.18 10.77 -13.35
C VAL B 266 1.65 10.72 -13.71
N GLU B 267 1.99 11.14 -14.93
CA GLU B 267 3.36 10.99 -15.44
C GLU B 267 4.32 12.03 -14.89
N LEU B 268 3.84 12.99 -14.09
CA LEU B 268 4.71 14.04 -13.58
C LEU B 268 5.49 13.61 -12.35
N MET B 269 5.02 12.59 -11.63
CA MET B 269 5.61 12.24 -10.33
C MET B 269 5.19 10.84 -9.93
N GLY B 270 6.15 10.02 -9.54
CA GLY B 270 5.85 8.64 -9.25
C GLY B 270 7.13 7.85 -9.05
N LEU B 271 6.94 6.55 -8.86
CA LEU B 271 8.07 5.64 -8.72
C LEU B 271 7.77 4.44 -9.58
N ASP B 272 8.58 4.24 -10.61
CA ASP B 272 8.33 3.23 -11.62
C ASP B 272 9.27 2.05 -11.42
N VAL B 273 8.76 0.86 -11.66
CA VAL B 273 9.61 -0.33 -11.68
C VAL B 273 10.32 -0.39 -13.02
N VAL B 274 11.62 -0.65 -12.97
CA VAL B 274 12.42 -0.83 -14.17
C VAL B 274 13.24 -2.11 -14.00
N GLY B 277 15.75 -2.55 -10.47
CA GLY B 277 15.33 -1.60 -9.45
C GLY B 277 14.17 -0.67 -9.78
N PHE B 278 14.28 0.58 -9.32
CA PHE B 278 13.22 1.58 -9.40
C PHE B 278 13.74 2.79 -10.17
N ARG B 279 12.82 3.61 -10.69
CA ARG B 279 13.18 4.94 -11.14
C ARG B 279 12.23 5.96 -10.54
N ASN B 280 12.80 6.97 -9.88
CA ASN B 280 12.02 8.10 -9.39
C ASN B 280 11.62 9.02 -10.54
N ILE B 281 10.34 9.36 -10.59
CA ILE B 281 9.81 10.29 -11.59
C ILE B 281 9.51 11.61 -10.89
N LEU B 282 10.17 12.69 -11.35
CA LEU B 282 9.94 14.02 -10.78
C LEU B 282 10.18 15.02 -11.92
N ARG B 283 9.14 15.35 -12.65
CA ARG B 283 9.31 16.21 -13.81
C ARG B 283 9.28 17.69 -13.43
N PRO B 284 9.95 18.54 -14.23
CA PRO B 284 9.98 19.96 -13.88
C PRO B 284 8.62 20.61 -13.85
N GLU B 285 7.65 20.04 -14.58
CA GLU B 285 6.31 20.60 -14.64
C GLU B 285 5.50 20.42 -13.37
N VAL B 286 6.05 19.74 -12.36
CA VAL B 286 5.31 19.50 -11.12
C VAL B 286 4.94 20.82 -10.46
N SER B 287 5.93 21.70 -10.27
CA SER B 287 5.68 22.91 -9.49
C SER B 287 4.59 23.76 -10.11
N ASP B 288 4.40 23.68 -11.43
CA ASP B 288 3.33 24.44 -12.05
C ASP B 288 2.00 23.71 -11.96
N ALA B 289 2.00 22.38 -12.11
CA ALA B 289 0.77 21.62 -11.94
C ALA B 289 0.28 21.65 -10.49
N LEU B 290 1.21 21.79 -9.54
CA LEU B 290 0.85 22.00 -8.14
C LEU B 290 -0.13 23.14 -7.99
N LYS B 291 0.07 24.23 -8.74
CA LYS B 291 -0.81 25.39 -8.66
C LYS B 291 -2.25 25.04 -8.99
N GLN B 292 -2.48 24.07 -9.88
CA GLN B 292 -3.86 23.74 -10.25
C GLN B 292 -4.62 23.09 -9.10
N GLY B 293 -3.91 22.52 -8.12
CA GLY B 293 -4.57 21.82 -7.04
C GLY B 293 -4.50 22.53 -5.70
N LEU B 294 -3.36 23.17 -5.41
CA LEU B 294 -3.14 23.83 -4.12
C LEU B 294 -4.26 24.80 -3.74
N ARG B 295 -4.53 25.79 -4.59
CA ARG B 295 -5.45 26.80 -4.12
C ARG B 295 -6.90 26.31 -4.06
N PRO B 296 -7.43 25.56 -5.03
CA PRO B 296 -8.78 24.99 -4.80
C PRO B 296 -8.85 24.11 -3.56
N LEU B 297 -7.81 23.32 -3.29
CA LEU B 297 -7.80 22.46 -2.10
C LEU B 297 -7.81 23.29 -0.81
N ILE B 298 -6.87 24.22 -0.69
CA ILE B 298 -6.71 24.95 0.56
C ILE B 298 -7.79 26.02 0.71
N ASN B 299 -8.08 26.78 -0.35
CA ASN B 299 -9.14 27.79 -0.25
C ASN B 299 -10.46 27.15 0.17
N GLY B 300 -10.79 26.01 -0.43
CA GLY B 300 -12.04 25.34 -0.10
C GLY B 300 -12.07 24.83 1.33
N LEU B 301 -10.99 24.16 1.76
CA LEU B 301 -10.90 23.69 3.14
C LEU B 301 -11.05 24.83 4.13
N LEU B 302 -10.33 25.93 3.90
CA LEU B 302 -10.36 27.05 4.84
C LEU B 302 -11.74 27.71 4.88
N ALA B 303 -12.32 27.98 3.71
CA ALA B 303 -13.64 28.61 3.65
C ALA B 303 -14.69 27.76 4.35
N ASP B 304 -14.70 26.45 4.07
CA ASP B 304 -15.68 25.57 4.71
C ASP B 304 -15.50 25.50 6.22
N ASN B 305 -14.38 25.96 6.74
CA ASN B 305 -14.17 26.03 8.18
C ASN B 305 -14.16 27.47 8.69
N ASN B 306 -14.58 28.42 7.84
CA ASN B 306 -14.73 29.83 8.21
C ASN B 306 -13.43 30.45 8.68
N ILE B 307 -12.36 30.20 7.93
CA ILE B 307 -11.03 30.68 8.27
C ILE B 307 -10.44 31.35 7.03
N GLU B 308 -9.66 32.40 7.26
CA GLU B 308 -8.90 33.06 6.20
C GLU B 308 -7.45 32.63 6.31
N SER B 309 -6.80 32.40 5.16
CA SER B 309 -5.41 31.96 5.19
C SER B 309 -4.53 32.94 5.95
N GLU B 310 -4.81 34.23 5.81
CA GLU B 310 -4.02 35.26 6.49
C GLU B 310 -4.03 35.09 8.00
N ASN B 311 -5.05 34.43 8.55
CA ASN B 311 -5.14 34.23 9.99
C ASN B 311 -4.58 32.89 10.44
N LEU B 312 -3.97 32.12 9.53
CA LEU B 312 -3.27 30.92 9.96
C LEU B 312 -2.06 31.29 10.80
N TYR B 313 -1.90 30.63 11.94
CA TYR B 313 -0.74 30.90 12.79
C TYR B 313 0.51 30.20 12.29
N ARG B 314 0.37 29.03 11.69
CA ARG B 314 1.50 28.20 11.32
C ARG B 314 1.20 27.40 10.06
N TRP B 315 2.18 27.30 9.17
CA TRP B 315 2.14 26.39 8.03
C TRP B 315 3.20 25.31 8.22
N ILE B 316 2.87 24.08 7.86
CA ILE B 316 3.81 22.95 7.89
C ILE B 316 3.73 22.33 6.50
N VAL B 317 4.64 22.71 5.60
CA VAL B 317 4.52 22.35 4.18
C VAL B 317 5.66 21.42 3.79
N HIS B 318 5.30 20.24 3.28
CA HIS B 318 6.29 19.29 2.81
C HIS B 318 7.19 19.96 1.76
N PRO B 319 8.52 19.91 1.92
CA PRO B 319 9.41 20.52 0.90
C PRO B 319 9.79 19.56 -0.22
N GLY B 320 8.87 19.37 -1.16
CA GLY B 320 9.21 18.64 -2.38
C GLY B 320 10.52 19.12 -2.97
N GLY B 321 10.68 20.44 -3.06
CA GLY B 321 11.93 21.10 -3.42
C GLY B 321 11.89 22.57 -3.04
N PRO B 322 13.01 23.30 -3.22
CA PRO B 322 12.94 24.76 -3.01
C PRO B 322 11.94 25.43 -3.96
N LYS B 323 11.82 24.90 -5.18
CA LYS B 323 10.82 25.37 -6.15
C LYS B 323 9.40 25.16 -5.65
N VAL B 324 9.14 24.01 -5.01
CA VAL B 324 7.83 23.76 -4.43
C VAL B 324 7.54 24.76 -3.31
N ILE B 325 8.51 24.98 -2.42
CA ILE B 325 8.32 25.95 -1.33
C ILE B 325 8.02 27.34 -1.89
N ASP B 326 8.84 27.79 -2.86
CA ASP B 326 8.63 29.08 -3.49
C ASP B 326 7.22 29.20 -4.07
N THR B 327 6.76 28.13 -4.73
CA THR B 327 5.43 28.14 -5.33
C THR B 327 4.33 28.31 -4.29
N VAL B 328 4.40 27.54 -3.19
CA VAL B 328 3.40 27.69 -2.13
C VAL B 328 3.43 29.10 -1.56
N GLU B 329 4.64 29.63 -1.34
CA GLU B 329 4.78 30.98 -0.82
C GLU B 329 4.12 32.01 -1.75
N ALA B 330 4.31 31.86 -3.07
CA ALA B 330 3.76 32.82 -4.03
C ALA B 330 2.25 32.67 -4.15
N GLU B 331 1.76 31.43 -4.22
CA GLU B 331 0.32 31.21 -4.39
C GLU B 331 -0.50 31.85 -3.27
N PHE B 332 0.00 31.80 -2.04
CA PHE B 332 -0.76 32.31 -0.91
C PHE B 332 -0.22 33.62 -0.39
N GLY B 333 0.67 34.27 -1.14
CA GLY B 333 1.26 35.54 -0.77
C GLY B 333 1.85 35.55 0.63
N LEU B 334 2.66 34.55 0.94
CA LEU B 334 3.19 34.37 2.29
C LEU B 334 4.48 35.18 2.48
N ASP B 335 4.70 35.65 3.70
CA ASP B 335 6.01 36.15 4.11
C ASP B 335 7.04 35.03 4.04
N SER B 336 8.26 35.37 3.63
CA SER B 336 9.28 34.35 3.42
C SER B 336 9.71 33.66 4.70
N GLN B 337 9.29 34.15 5.87
CA GLN B 337 9.59 33.42 7.10
C GLN B 337 8.54 32.35 7.40
N THR B 338 7.36 32.41 6.76
CA THR B 338 6.27 31.50 7.11
C THR B 338 6.62 30.06 6.81
N LEU B 339 7.35 29.82 5.70
CA LEU B 339 7.75 28.47 5.33
C LEU B 339 9.21 28.16 5.69
N GLN B 340 9.82 28.95 6.60
CA GLN B 340 11.22 28.71 6.95
C GLN B 340 11.45 27.29 7.44
N LEU B 341 10.47 26.72 8.14
CA LEU B 341 10.61 25.35 8.63
C LEU B 341 10.83 24.36 7.49
N SER B 342 10.19 24.60 6.34
CA SER B 342 10.41 23.74 5.18
C SER B 342 11.87 23.81 4.71
N ARG B 343 12.43 25.02 4.67
CA ARG B 343 13.81 25.17 4.23
C ARG B 343 14.80 24.63 5.25
N ASP B 344 14.57 24.91 6.54
CA ASP B 344 15.47 24.37 7.57
C ASP B 344 15.47 22.86 7.56
N THR B 345 14.30 22.25 7.34
CA THR B 345 14.20 20.80 7.32
C THR B 345 14.98 20.21 6.15
N LEU B 346 14.76 20.75 4.96
CA LEU B 346 15.53 20.35 3.79
C LEU B 346 17.02 20.45 4.06
N ALA B 347 17.45 21.56 4.67
CA ALA B 347 18.88 21.75 4.95
C ALA B 347 19.41 20.69 5.93
N GLU B 348 18.60 20.32 6.93
CA GLU B 348 19.07 19.41 7.97
C GLU B 348 19.08 17.94 7.54
N VAL B 349 18.02 17.46 6.88
CA VAL B 349 17.91 16.03 6.58
C VAL B 349 17.60 15.75 5.12
N GLY B 350 17.50 16.77 4.26
CA GLY B 350 17.06 16.53 2.88
C GLY B 350 15.58 16.18 2.79
N ASN B 351 15.18 15.69 1.62
CA ASN B 351 13.81 15.26 1.38
C ASN B 351 13.66 13.80 1.81
N ILE B 352 13.10 13.56 3.01
CA ILE B 352 12.90 12.20 3.48
C ILE B 352 11.48 11.74 3.18
N SER B 353 10.92 12.28 2.09
CA SER B 353 9.70 11.76 1.47
C SER B 353 8.57 11.80 2.50
N SER B 354 7.77 10.74 2.63
CA SER B 354 6.60 10.77 3.50
C SER B 354 6.93 11.12 4.95
N ALA B 355 8.14 10.79 5.41
CA ALA B 355 8.51 11.09 6.79
C ALA B 355 8.74 12.58 7.04
N THR B 356 8.92 13.40 6.00
CA THR B 356 9.40 14.76 6.21
C THR B 356 8.43 15.59 7.04
N VAL B 357 7.13 15.53 6.72
CA VAL B 357 6.20 16.37 7.50
C VAL B 357 6.06 15.86 8.93
N LEU B 358 6.35 14.58 9.19
CA LEU B 358 6.32 14.12 10.58
C LEU B 358 7.53 14.65 11.35
N TYR B 359 8.71 14.66 10.71
CA TYR B 359 9.87 15.32 11.30
C TYR B 359 9.58 16.78 11.59
N MET B 360 8.86 17.41 10.68
CA MET B 360 8.55 18.83 10.74
C MET B 360 7.58 19.09 11.88
N LEU B 361 6.54 18.26 11.99
CA LEU B 361 5.60 18.37 13.10
C LEU B 361 6.31 18.16 14.43
N ASP B 362 7.26 17.22 14.45
CA ASP B 362 8.04 16.98 15.66
C ASP B 362 8.78 18.23 16.10
N LYS B 363 9.42 18.93 15.15
CA LYS B 363 10.07 20.20 15.46
C LYS B 363 9.09 21.20 16.08
N VAL B 364 7.89 21.29 15.49
CA VAL B 364 6.90 22.26 15.96
C VAL B 364 6.48 21.95 17.39
N LEU B 365 6.25 20.66 17.68
CA LEU B 365 5.89 20.27 19.03
C LEU B 365 7.02 20.51 20.03
N SER B 366 8.23 20.79 19.56
CA SER B 366 9.33 21.22 20.40
C SER B 366 9.42 22.75 20.51
N GLU B 367 8.62 23.48 19.73
CA GLU B 367 8.62 24.92 19.77
C GLU B 367 7.77 25.43 20.93
N GLU B 368 7.70 26.76 21.04
CA GLU B 368 6.94 27.40 22.11
C GLU B 368 5.45 27.09 21.97
N GLN B 369 4.82 26.78 23.11
CA GLN B 369 3.40 26.46 23.15
C GLN B 369 2.61 27.43 22.27
N SER B 370 1.98 26.89 21.24
CA SER B 370 1.22 27.72 20.34
C SER B 370 0.11 28.42 21.12
N PRO B 371 -0.17 29.68 20.81
CA PRO B 371 -1.26 30.39 21.48
C PRO B 371 -2.55 29.61 21.36
N PRO B 372 -3.34 29.58 22.43
CA PRO B 372 -4.69 29.02 22.34
C PRO B 372 -5.41 29.48 21.11
N ASP B 373 -6.20 28.58 20.51
CA ASP B 373 -7.05 28.86 19.34
C ASP B 373 -6.27 29.25 18.10
N SER B 374 -4.96 29.01 18.05
CA SER B 374 -4.24 29.31 16.82
C SER B 374 -4.43 28.15 15.84
N TYR B 375 -4.56 28.49 14.57
CA TYR B 375 -4.80 27.51 13.51
C TYR B 375 -3.51 27.20 12.75
N GLY B 376 -3.37 25.95 12.34
CA GLY B 376 -2.23 25.53 11.56
C GLY B 376 -2.69 24.71 10.38
N LEU B 377 -1.83 24.66 9.36
CA LEU B 377 -2.12 23.90 8.14
C LEU B 377 -0.93 23.02 7.83
N ILE B 378 -1.17 21.71 7.69
CA ILE B 378 -0.19 20.78 7.12
C ILE B 378 -0.55 20.60 5.65
N VAL B 379 0.44 20.70 4.78
CA VAL B 379 0.24 20.58 3.34
C VAL B 379 1.33 19.68 2.78
N ALA B 380 0.94 18.66 2.00
CA ALA B 380 1.92 17.84 1.31
C ALA B 380 1.39 17.52 -0.07
N MET B 381 2.31 17.15 -0.94
CA MET B 381 2.03 16.90 -2.34
C MET B 381 2.84 15.68 -2.77
N GLY B 382 2.26 14.83 -3.60
CA GLY B 382 2.95 13.64 -4.03
C GLY B 382 2.40 13.09 -5.33
N PRO B 383 2.83 11.89 -5.66
CA PRO B 383 2.34 11.24 -6.89
C PRO B 383 0.83 11.21 -6.99
N GLY B 384 0.34 11.49 -8.19
CA GLY B 384 -1.08 11.67 -8.40
C GLY B 384 -1.32 12.39 -9.71
N LEU B 385 -0.96 13.67 -9.82
CA LEU B 385 -0.42 14.47 -8.72
C LEU B 385 -1.44 14.76 -7.65
N ALA B 386 -1.13 14.43 -6.40
CA ALA B 386 -2.08 14.53 -5.31
C ALA B 386 -1.58 15.53 -4.26
N GLN B 387 -2.52 16.15 -3.56
CA GLN B 387 -2.24 17.11 -2.50
C GLN B 387 -3.13 16.80 -1.31
N GLU B 388 -2.59 16.98 -0.11
CA GLU B 388 -3.33 16.74 1.12
C GLU B 388 -3.18 17.95 2.03
N ALA B 389 -4.28 18.36 2.65
CA ALA B 389 -4.24 19.50 3.55
C ALA B 389 -4.98 19.13 4.81
N ILE B 390 -4.39 19.47 5.96
CA ILE B 390 -4.98 19.18 7.26
C ILE B 390 -5.03 20.46 8.06
N LEU B 391 -6.20 20.80 8.55
CA LEU B 391 -6.39 21.98 9.39
C LEU B 391 -6.24 21.57 10.86
N LEU B 392 -5.31 22.22 11.55
CA LEU B 392 -5.07 22.02 12.97
C LEU B 392 -5.51 23.24 13.77
N LYS B 393 -5.90 23.00 15.03
CA LYS B 393 -6.22 24.06 15.97
C LYS B 393 -5.63 23.71 17.33
N TRP B 394 -4.87 24.64 17.92
CA TRP B 394 -4.27 24.48 19.24
C TRP B 394 -5.17 25.01 20.36
C10 A1D7B C . 1.00 -10.48 -7.60
C13 A1D7B C . 3.18 -8.15 -9.64
C01 A1D7B C . 0.41 -13.44 -1.20
C03 A1D7B C . -0.76 -15.09 -2.48
C04 A1D7B C . -1.39 -14.27 -3.61
C06 A1D7B C . -0.71 -13.50 -6.35
C07 A1D7B C . 0.22 -13.49 -7.56
C08 A1D7B C . 1.53 -12.87 -7.12
C09 A1D7B C . 1.24 -11.52 -6.51
C11 A1D7B C . 2.34 -9.91 -8.04
C12 A1D7B C . 2.08 -8.56 -8.68
C14 A1D7B C . 2.63 -7.36 -10.83
C18 A1D7B C . 1.68 -12.68 -0.88
C19 A1D7B C . 1.12 -7.52 -11.02
N02 A1D7B C . 0.48 -14.43 -2.24
O15 A1D7B C . -0.62 -13.29 -0.62
O16 A1D7B C . -1.75 -12.91 -6.35
S05 A1D7B C . -0.15 -14.44 -4.92
CL17 A1D7B C . 3.13 -11.03 -9.19
C10 A1D7B D . 11.37 4.01 -2.44
C13 A1D7B D . 13.04 0.67 -1.76
C01 A1D7B D . 7.72 9.89 -4.97
C03 A1D7B D . 9.50 11.17 -3.98
C04 A1D7B D . 10.07 10.37 -2.82
C06 A1D7B D . 12.01 8.22 -2.33
C07 A1D7B D . 13.15 7.31 -2.69
C08 A1D7B D . 12.80 5.98 -2.08
C09 A1D7B D . 11.95 5.25 -3.09
C11 A1D7B D . 12.19 2.78 -2.80
C12 A1D7B D . 12.53 2.07 -1.51
C14 A1D7B D . 13.08 -0.13 -0.46
C18 A1D7B D . 7.31 8.81 -5.95
C19 A1D7B D . 14.47 -0.18 0.14
N02 A1D7B D . 9.13 10.16 -4.92
O15 A1D7B D . 6.97 10.51 -4.28
O16 A1D7B D . 11.52 8.13 -1.26
S05 A1D7B D . 11.40 9.39 -3.56
CL17 A1D7B D . 13.66 3.31 -3.65
#